data_1N9S
#
_entry.id   1N9S
#
_cell.length_a   105.635
_cell.length_b   105.635
_cell.length_c   235.563
_cell.angle_alpha   90.00
_cell.angle_beta   90.00
_cell.angle_gamma   90.00
#
_symmetry.space_group_name_H-M   'P 43 21 2'
#
_entity_poly.entity_id   1
_entity_poly.type   'polypeptide(L)'
_entity_poly.pdbx_seq_one_letter_code
;MHHHHHHMSESSDISAMQPVNPKPFLKGLVNHRVGVKLKFNSTEYRGTLVSTDNYFNLQLNEAEEFVAGVSHGTLGEIFI
RSNNVLYIRELPN
;
_entity_poly.pdbx_strand_id   A,B,C,D,E,F,G,H,I,J,K,L,M,N
#
# COMPACT_ATOMS: atom_id res chain seq x y z
N LEU A 26 0.92 -33.96 9.89
CA LEU A 26 0.52 -32.75 10.70
C LEU A 26 -0.19 -33.19 11.96
N LYS A 27 -1.09 -34.11 11.74
CA LYS A 27 -1.69 -34.91 12.80
C LYS A 27 -0.60 -35.43 13.79
N GLY A 28 0.68 -35.22 13.50
CA GLY A 28 1.72 -35.54 14.47
C GLY A 28 1.68 -34.62 15.70
N LEU A 29 1.01 -33.49 15.59
CA LEU A 29 0.99 -32.44 16.62
C LEU A 29 -0.22 -32.40 17.51
N VAL A 30 -1.25 -33.12 17.12
CA VAL A 30 -2.48 -33.23 17.91
C VAL A 30 -2.11 -33.49 19.36
N ASN A 31 -2.82 -32.85 20.27
CA ASN A 31 -2.45 -32.78 21.70
C ASN A 31 -1.04 -32.18 21.97
N HIS A 32 -0.52 -31.47 20.97
CA HIS A 32 0.76 -30.78 21.10
C HIS A 32 0.62 -29.27 21.22
N ARG A 33 1.46 -28.74 22.08
CA ARG A 33 1.55 -27.31 22.29
C ARG A 33 2.29 -26.79 21.06
N VAL A 34 1.57 -26.05 20.24
CA VAL A 34 2.14 -25.55 19.02
C VAL A 34 2.03 -24.04 19.02
N GLY A 35 2.52 -23.41 17.97
CA GLY A 35 2.40 -21.97 17.84
C GLY A 35 1.98 -21.63 16.44
N VAL A 36 0.94 -20.86 16.31
CA VAL A 36 0.53 -20.49 14.98
C VAL A 36 0.97 -19.07 14.71
N LYS A 37 1.69 -18.94 13.62
CA LYS A 37 2.22 -17.68 13.12
C LYS A 37 1.40 -17.30 11.90
N LEU A 38 0.79 -16.13 11.95
CA LEU A 38 -0.01 -15.68 10.82
C LEU A 38 0.90 -15.02 9.80
N LYS A 39 0.41 -14.79 8.59
CA LYS A 39 1.26 -14.17 7.59
C LYS A 39 1.57 -12.79 8.04
N PHE A 40 0.53 -12.04 8.34
CA PHE A 40 0.66 -10.63 8.68
C PHE A 40 0.95 -10.34 10.15
N ASN A 41 1.81 -9.34 10.39
CA ASN A 41 2.00 -8.73 11.74
C ASN A 41 2.68 -9.40 12.94
N SER A 42 3.63 -10.30 12.79
CA SER A 42 4.27 -10.88 13.98
C SER A 42 3.31 -11.31 15.13
N THR A 43 2.20 -11.90 14.74
CA THR A 43 1.21 -12.41 15.68
C THR A 43 1.19 -13.89 15.61
N GLU A 44 1.35 -14.49 16.77
CA GLU A 44 1.37 -15.93 16.86
C GLU A 44 0.35 -16.37 17.89
N TYR A 45 -0.41 -17.40 17.53
CA TYR A 45 -1.37 -17.98 18.46
C TYR A 45 -0.80 -19.26 19.02
N ARG A 46 -0.70 -19.33 20.33
CA ARG A 46 -0.19 -20.54 21.01
C ARG A 46 -1.28 -21.19 21.85
N GLY A 47 -1.24 -22.51 21.85
CA GLY A 47 -2.21 -23.33 22.57
C GLY A 47 -2.00 -24.80 22.18
N THR A 48 -2.91 -25.66 22.61
CA THR A 48 -2.80 -27.08 22.30
C THR A 48 -3.56 -27.41 21.03
N LEU A 49 -2.95 -28.15 20.12
CA LEU A 49 -3.58 -28.40 18.84
C LEU A 49 -4.62 -29.50 18.96
N VAL A 50 -5.87 -29.10 19.13
CA VAL A 50 -6.99 -30.03 19.29
C VAL A 50 -7.27 -30.88 18.09
N SER A 51 -7.52 -30.26 16.95
CA SER A 51 -7.82 -31.05 15.79
C SER A 51 -7.48 -30.26 14.59
N THR A 52 -7.55 -30.89 13.44
CA THR A 52 -7.18 -30.23 12.19
C THR A 52 -7.77 -30.98 11.01
N ASP A 53 -7.27 -30.66 9.83
CA ASP A 53 -7.56 -31.43 8.63
C ASP A 53 -6.61 -30.97 7.54
N ASN A 54 -6.39 -31.81 6.52
CA ASN A 54 -5.51 -31.49 5.37
C ASN A 54 -5.51 -29.97 5.03
N TYR A 55 -6.74 -29.40 4.96
CA TYR A 55 -6.98 -27.94 4.72
C TYR A 55 -6.25 -26.96 5.64
N PHE A 56 -5.53 -27.46 6.64
CA PHE A 56 -4.75 -26.61 7.55
C PHE A 56 -5.61 -25.74 8.53
N ASN A 57 -6.93 -25.94 8.45
CA ASN A 57 -7.87 -25.21 9.25
C ASN A 57 -7.78 -25.86 10.57
N LEU A 58 -7.38 -25.19 11.63
CA LEU A 58 -7.18 -25.90 12.88
C LEU A 58 -7.91 -25.35 14.08
N GLN A 59 -8.08 -26.22 15.07
CA GLN A 59 -8.69 -25.86 16.35
C GLN A 59 -7.57 -25.69 17.35
N LEU A 60 -7.66 -24.68 18.19
CA LEU A 60 -6.60 -24.46 19.16
C LEU A 60 -7.14 -24.30 20.54
N ASN A 61 -6.66 -25.07 21.47
CA ASN A 61 -7.20 -25.02 22.82
C ASN A 61 -6.30 -24.24 23.73
N GLU A 62 -6.90 -23.49 24.65
CA GLU A 62 -6.18 -22.59 25.58
C GLU A 62 -5.13 -21.71 24.81
N ALA A 63 -5.61 -21.11 23.75
CA ALA A 63 -4.81 -20.23 22.94
C ALA A 63 -4.40 -19.01 23.72
N GLU A 64 -3.18 -18.55 23.50
CA GLU A 64 -2.73 -17.31 24.09
C GLU A 64 -2.15 -16.44 22.92
N GLU A 65 -2.79 -15.32 22.66
CA GLU A 65 -2.34 -14.42 21.58
C GLU A 65 -0.92 -13.89 21.92
N PHE A 66 0.03 -14.08 21.03
CA PHE A 66 1.33 -13.49 21.26
C PHE A 66 1.73 -12.50 20.17
N VAL A 67 2.12 -11.29 20.58
CA VAL A 67 2.46 -10.20 19.68
C VAL A 67 3.87 -9.74 19.89
N ALA A 68 4.74 -10.08 18.94
CA ALA A 68 6.16 -9.76 19.09
C ALA A 68 6.72 -10.55 20.27
N GLY A 69 6.01 -11.62 20.59
CA GLY A 69 6.43 -12.45 21.70
C GLY A 69 6.09 -11.79 23.00
N VAL A 70 4.92 -11.20 23.04
CA VAL A 70 4.41 -10.69 24.28
C VAL A 70 2.99 -11.20 24.35
N SER A 71 2.61 -11.74 25.49
CA SER A 71 1.21 -12.15 25.65
C SER A 71 0.21 -11.02 25.62
N HIS A 72 -0.71 -11.12 24.68
CA HIS A 72 -1.82 -10.15 24.57
C HIS A 72 -3.13 -10.67 25.14
N GLY A 73 -3.00 -11.79 25.84
CA GLY A 73 -4.15 -12.43 26.38
C GLY A 73 -4.39 -13.86 25.96
N THR A 74 -5.55 -14.31 26.42
CA THR A 74 -6.00 -15.66 26.27
C THR A 74 -7.27 -15.75 25.52
N LEU A 75 -7.24 -16.44 24.42
CA LEU A 75 -8.49 -16.64 23.78
C LEU A 75 -8.91 -17.98 24.28
N GLY A 76 -10.21 -18.17 24.34
CA GLY A 76 -10.75 -19.46 24.75
C GLY A 76 -10.29 -20.46 23.69
N GLU A 77 -11.23 -21.20 23.12
CA GLU A 77 -10.97 -22.16 22.05
C GLU A 77 -11.20 -21.44 20.75
N ILE A 78 -10.22 -21.51 19.89
CA ILE A 78 -10.32 -20.81 18.63
C ILE A 78 -10.18 -21.75 17.46
N PHE A 79 -10.81 -21.42 16.35
CA PHE A 79 -10.80 -22.26 15.18
C PHE A 79 -10.22 -21.40 14.11
N ILE A 80 -9.03 -21.71 13.67
CA ILE A 80 -8.30 -20.80 12.76
C ILE A 80 -8.43 -21.13 11.32
N ARG A 81 -8.39 -20.12 10.47
CA ARG A 81 -8.49 -20.37 9.03
C ARG A 81 -7.17 -20.46 8.29
N SER A 82 -6.88 -21.63 7.71
CA SER A 82 -5.57 -21.88 7.07
C SER A 82 -5.00 -20.62 6.41
N ASN A 83 -5.73 -20.07 5.46
CA ASN A 83 -5.21 -18.94 4.68
C ASN A 83 -4.51 -17.85 5.45
N ASN A 84 -4.81 -17.68 6.71
CA ASN A 84 -4.09 -16.66 7.48
C ASN A 84 -2.75 -17.17 8.07
N VAL A 85 -2.56 -18.46 7.91
CA VAL A 85 -1.46 -19.13 8.54
C VAL A 85 -0.28 -19.15 7.66
N LEU A 86 0.85 -18.88 8.28
CA LEU A 86 2.13 -18.87 7.61
C LEU A 86 2.72 -20.22 7.81
N TYR A 87 2.92 -20.56 9.06
CA TYR A 87 3.53 -21.84 9.39
C TYR A 87 3.15 -22.19 10.78
N ILE A 88 3.28 -23.48 11.11
CA ILE A 88 3.04 -23.97 12.46
C ILE A 88 4.26 -24.65 13.01
N ARG A 89 4.51 -24.46 14.30
CA ARG A 89 5.66 -25.08 14.93
C ARG A 89 5.25 -25.64 16.27
N GLU A 90 6.01 -26.59 16.78
CA GLU A 90 5.69 -27.18 18.07
C GLU A 90 6.35 -26.36 19.13
N LEU A 91 5.62 -26.05 20.21
CA LEU A 91 6.20 -25.29 21.32
C LEU A 91 7.19 -26.14 22.13
N PRO A 92 8.30 -25.53 22.54
CA PRO A 92 9.41 -26.25 23.10
C PRO A 92 9.08 -26.75 24.50
N ASN A 93 9.51 -27.99 24.72
CA ASN A 93 9.37 -28.72 25.97
C ASN A 93 9.52 -27.85 27.19
N LEU B 26 8.34 -33.32 -6.44
CA LEU B 26 8.89 -32.59 -5.25
C LEU B 26 9.61 -33.52 -4.27
N LYS B 27 8.98 -34.65 -4.01
CA LYS B 27 9.53 -35.80 -3.27
C LYS B 27 11.03 -36.06 -3.49
N GLY B 28 11.61 -35.50 -4.55
CA GLY B 28 13.03 -35.66 -4.81
C GLY B 28 13.91 -34.95 -3.80
N LEU B 29 13.29 -34.17 -2.93
CA LEU B 29 14.03 -33.41 -1.91
C LEU B 29 13.87 -33.99 -0.52
N VAL B 30 12.94 -34.92 -0.34
CA VAL B 30 12.72 -35.45 0.99
C VAL B 30 14.05 -35.81 1.59
N ASN B 31 14.13 -35.66 2.91
CA ASN B 31 15.37 -35.87 3.65
C ASN B 31 16.57 -35.10 3.13
N HIS B 32 16.29 -34.03 2.37
CA HIS B 32 17.34 -33.12 1.90
C HIS B 32 17.35 -31.82 2.70
N ARG B 33 18.49 -31.17 2.66
CA ARG B 33 18.64 -29.86 3.29
C ARG B 33 18.25 -28.85 2.26
N VAL B 34 17.10 -28.25 2.48
CA VAL B 34 16.59 -27.27 1.55
C VAL B 34 16.37 -25.94 2.26
N GLY B 35 16.15 -24.91 1.46
CA GLY B 35 15.92 -23.59 1.98
C GLY B 35 14.65 -23.18 1.30
N VAL B 36 13.66 -22.73 2.06
CA VAL B 36 12.38 -22.33 1.51
C VAL B 36 12.25 -20.82 1.36
N LYS B 37 11.90 -20.30 0.20
CA LYS B 37 11.87 -18.82 0.08
C LYS B 37 10.46 -18.22 0.12
N LEU B 38 10.21 -17.29 1.02
CA LEU B 38 8.89 -16.71 1.10
C LEU B 38 8.78 -15.63 0.05
N LYS B 39 7.54 -15.30 -0.34
CA LYS B 39 7.33 -14.26 -1.35
C LYS B 39 7.65 -12.90 -0.78
N PHE B 40 7.27 -12.61 0.47
CA PHE B 40 7.24 -11.19 0.92
C PHE B 40 8.45 -10.52 1.57
N ASN B 41 9.27 -11.22 2.33
CA ASN B 41 10.32 -10.52 3.12
C ASN B 41 11.75 -10.74 2.76
N SER B 42 12.01 -11.49 1.72
CA SER B 42 13.40 -11.80 1.42
C SER B 42 14.00 -12.67 2.52
N THR B 43 13.12 -13.33 3.28
CA THR B 43 13.59 -14.22 4.33
C THR B 43 13.16 -15.67 4.05
N GLU B 44 14.14 -16.56 4.20
CA GLU B 44 14.12 -17.98 3.84
C GLU B 44 14.14 -18.93 5.07
N TYR B 45 13.49 -20.08 4.93
CA TYR B 45 13.46 -21.10 5.97
C TYR B 45 14.28 -22.25 5.50
N ARG B 46 15.36 -22.50 6.26
CA ARG B 46 16.34 -23.55 5.96
C ARG B 46 16.15 -24.67 6.91
N GLY B 47 16.25 -25.89 6.38
CA GLY B 47 16.10 -27.08 7.19
C GLY B 47 15.95 -28.38 6.39
N THR B 48 15.75 -29.46 7.12
CA THR B 48 15.58 -30.77 6.52
C THR B 48 14.16 -30.86 6.13
N LEU B 49 13.92 -31.27 4.90
CA LEU B 49 12.56 -31.44 4.39
C LEU B 49 12.04 -32.82 4.75
N VAL B 50 11.39 -32.90 5.88
CA VAL B 50 10.81 -34.14 6.37
C VAL B 50 9.77 -34.62 5.42
N SER B 51 8.70 -33.87 5.26
CA SER B 51 7.63 -34.37 4.38
C SER B 51 7.02 -33.29 3.57
N THR B 52 6.17 -33.71 2.67
CA THR B 52 5.54 -32.80 1.77
C THR B 52 4.51 -33.48 1.08
N ASP B 53 3.44 -32.77 0.87
CA ASP B 53 2.38 -33.36 0.09
C ASP B 53 2.13 -32.52 -1.13
N ASN B 54 1.29 -33.10 -1.98
CA ASN B 54 0.90 -32.47 -3.22
C ASN B 54 0.10 -31.25 -3.01
N TYR B 55 0.59 -30.31 -2.24
CA TYR B 55 -0.12 -29.08 -2.08
C TYR B 55 0.94 -28.04 -1.83
N PHE B 56 2.19 -28.47 -1.84
CA PHE B 56 3.33 -27.62 -1.56
C PHE B 56 3.43 -27.28 -0.10
N ASN B 57 2.68 -27.94 0.76
CA ASN B 57 2.83 -27.64 2.16
C ASN B 57 3.97 -28.45 2.59
N LEU B 58 4.83 -27.96 3.45
CA LEU B 58 5.91 -28.81 3.85
C LEU B 58 6.30 -28.72 5.30
N GLN B 59 6.75 -29.88 5.76
CA GLN B 59 7.28 -30.04 7.10
C GLN B 59 8.76 -29.97 6.94
N LEU B 60 9.34 -29.21 7.85
CA LEU B 60 10.74 -28.89 7.86
C LEU B 60 11.29 -29.25 9.19
N ASN B 61 12.39 -29.96 9.23
CA ASN B 61 12.94 -30.23 10.50
C ASN B 61 14.19 -29.38 10.65
N GLU B 62 14.52 -29.03 11.89
CA GLU B 62 15.70 -28.21 12.22
C GLU B 62 15.70 -26.91 11.40
N ALA B 63 14.55 -26.24 11.42
CA ALA B 63 14.38 -24.99 10.69
C ALA B 63 15.17 -23.89 11.29
N GLU B 64 15.79 -23.14 10.43
CA GLU B 64 16.54 -22.00 10.89
C GLU B 64 16.01 -20.94 9.95
N GLU B 65 15.81 -19.72 10.46
CA GLU B 65 15.17 -18.63 9.72
C GLU B 65 16.26 -17.69 9.35
N PHE B 66 16.31 -17.30 8.09
CA PHE B 66 17.42 -16.48 7.57
C PHE B 66 16.92 -15.19 6.95
N VAL B 67 17.39 -14.06 7.41
CA VAL B 67 16.91 -12.80 6.93
C VAL B 67 18.02 -12.08 6.21
N ALA B 68 17.80 -11.93 4.92
CA ALA B 68 18.79 -11.29 4.04
C ALA B 68 20.10 -12.01 4.19
N GLY B 69 19.99 -13.30 4.50
CA GLY B 69 21.17 -14.13 4.66
C GLY B 69 21.69 -14.29 6.08
N VAL B 70 20.98 -13.75 7.06
CA VAL B 70 21.44 -13.83 8.42
C VAL B 70 20.52 -14.68 9.26
N SER B 71 21.10 -15.37 10.21
CA SER B 71 20.33 -16.26 11.05
C SER B 71 19.68 -15.51 12.18
N HIS B 72 18.36 -15.68 12.29
CA HIS B 72 17.55 -15.02 13.33
C HIS B 72 17.01 -16.04 14.31
N GLY B 73 17.68 -17.16 14.43
CA GLY B 73 17.17 -18.16 15.34
C GLY B 73 16.75 -19.49 14.76
N THR B 74 16.56 -20.41 15.68
CA THR B 74 16.23 -21.75 15.32
C THR B 74 14.86 -22.07 15.78
N LEU B 75 14.01 -22.41 14.82
CA LEU B 75 12.69 -22.92 15.12
C LEU B 75 12.84 -24.43 15.23
N GLY B 76 11.95 -25.08 15.94
CA GLY B 76 12.05 -26.53 16.09
C GLY B 76 11.69 -27.18 14.77
N GLU B 77 10.52 -27.82 14.79
CA GLU B 77 9.87 -28.45 13.62
C GLU B 77 8.82 -27.50 13.05
N ILE B 78 8.81 -27.21 11.76
CA ILE B 78 7.76 -26.32 11.25
C ILE B 78 7.03 -26.87 10.07
N PHE B 79 5.76 -26.55 10.01
CA PHE B 79 4.91 -26.96 8.91
C PHE B 79 4.47 -25.66 8.24
N ILE B 80 4.89 -25.53 6.98
CA ILE B 80 4.81 -24.28 6.23
C ILE B 80 3.70 -24.34 5.24
N ARG B 81 2.96 -23.27 5.05
CA ARG B 81 1.87 -23.32 4.10
C ARG B 81 2.21 -22.80 2.74
N SER B 82 1.93 -23.65 1.75
CA SER B 82 2.27 -23.43 0.32
C SER B 82 2.16 -22.05 -0.24
N ASN B 83 1.02 -21.48 0.00
CA ASN B 83 0.74 -20.15 -0.48
C ASN B 83 1.86 -19.13 -0.11
N ASN B 84 2.52 -19.29 1.04
CA ASN B 84 3.56 -18.33 1.44
C ASN B 84 4.88 -18.51 0.75
N VAL B 85 5.00 -19.60 0.02
CA VAL B 85 6.28 -19.96 -0.54
C VAL B 85 6.48 -19.43 -1.92
N LEU B 86 7.70 -18.98 -2.14
CA LEU B 86 8.11 -18.48 -3.44
C LEU B 86 8.73 -19.61 -4.17
N TYR B 87 9.73 -20.21 -3.54
CA TYR B 87 10.44 -21.32 -4.17
C TYR B 87 11.31 -22.10 -3.21
N ILE B 88 11.62 -23.32 -3.64
CA ILE B 88 12.42 -24.27 -2.86
C ILE B 88 13.70 -24.73 -3.59
N ARG B 89 14.77 -24.71 -2.82
CA ARG B 89 16.05 -25.10 -3.34
C ARG B 89 16.76 -25.99 -2.36
N GLU B 90 17.63 -26.81 -2.94
CA GLU B 90 18.48 -27.75 -2.22
C GLU B 90 19.74 -26.99 -1.78
N LEU B 91 20.43 -27.48 -0.75
CA LEU B 91 21.58 -26.75 -0.18
C LEU B 91 23.01 -27.37 -0.27
N PRO B 92 23.93 -26.58 -0.82
CA PRO B 92 25.35 -26.88 -0.82
C PRO B 92 26.02 -27.38 0.46
N ASN B 93 25.31 -27.91 1.45
CA ASN B 93 26.06 -28.58 2.52
C ASN B 93 26.53 -29.97 2.00
N VAL C 20 -6.78 -39.77 -20.20
CA VAL C 20 -6.99 -39.79 -21.77
C VAL C 20 -7.47 -38.39 -22.35
N ASN C 21 -7.97 -37.58 -21.37
CA ASN C 21 -8.43 -36.23 -21.65
C ASN C 21 -7.48 -35.07 -21.42
N PRO C 22 -6.64 -35.09 -20.39
CA PRO C 22 -5.74 -33.96 -20.15
C PRO C 22 -4.25 -34.21 -20.02
N LYS C 23 -3.52 -33.20 -20.45
CA LYS C 23 -2.06 -33.22 -20.54
C LYS C 23 -1.46 -31.84 -20.33
N PRO C 24 -0.12 -31.77 -20.32
CA PRO C 24 0.62 -30.58 -19.92
C PRO C 24 0.72 -29.70 -21.15
N PHE C 25 0.22 -28.50 -20.98
CA PHE C 25 0.14 -27.54 -22.08
C PHE C 25 1.50 -26.83 -22.38
N LEU C 26 2.42 -26.92 -21.42
CA LEU C 26 3.81 -26.38 -21.51
C LEU C 26 4.92 -27.46 -21.82
N LYS C 27 4.43 -28.61 -22.20
CA LYS C 27 5.29 -29.75 -22.45
C LYS C 27 6.54 -29.42 -23.26
N GLY C 28 6.36 -28.74 -24.38
CA GLY C 28 7.47 -28.47 -25.29
C GLY C 28 8.72 -27.84 -24.70
N LEU C 29 8.60 -26.97 -23.71
CA LEU C 29 9.81 -26.34 -23.20
C LEU C 29 10.67 -27.21 -22.29
N VAL C 30 10.36 -28.48 -22.07
CA VAL C 30 11.20 -29.25 -21.14
C VAL C 30 12.60 -29.41 -21.67
N ASN C 31 13.58 -29.10 -20.84
CA ASN C 31 15.00 -29.21 -21.20
C ASN C 31 15.45 -28.05 -22.08
N HIS C 32 14.59 -27.04 -22.20
CA HIS C 32 14.92 -25.81 -22.95
C HIS C 32 15.34 -24.66 -22.02
N ARG C 33 16.14 -23.79 -22.58
CA ARG C 33 16.59 -22.66 -21.80
C ARG C 33 15.46 -21.63 -21.72
N VAL C 34 14.88 -21.47 -20.53
CA VAL C 34 13.76 -20.51 -20.34
C VAL C 34 13.97 -19.40 -19.31
N GLY C 35 13.03 -18.47 -19.32
CA GLY C 35 12.99 -17.35 -18.39
C GLY C 35 11.64 -17.36 -17.70
N VAL C 36 11.67 -17.42 -16.37
CA VAL C 36 10.46 -17.42 -15.56
C VAL C 36 10.40 -16.07 -14.91
N LYS C 37 9.40 -15.27 -15.26
CA LYS C 37 9.30 -13.93 -14.75
C LYS C 37 8.25 -13.86 -13.65
N LEU C 38 8.54 -13.17 -12.58
CA LEU C 38 7.55 -13.03 -11.50
C LEU C 38 6.59 -11.85 -11.68
N LYS C 39 5.53 -11.86 -10.87
CA LYS C 39 4.49 -10.79 -10.92
C LYS C 39 5.05 -9.52 -10.31
N PHE C 40 5.73 -9.68 -9.19
CA PHE C 40 6.31 -8.57 -8.45
C PHE C 40 7.78 -8.42 -8.79
N ASN C 41 8.22 -7.15 -8.82
CA ASN C 41 9.63 -6.73 -9.07
C ASN C 41 9.99 -6.68 -10.54
N SER C 42 11.19 -7.06 -10.89
CA SER C 42 11.59 -7.19 -12.28
C SER C 42 12.65 -8.24 -12.27
N THR C 43 12.33 -9.20 -11.43
CA THR C 43 13.16 -10.35 -11.20
C THR C 43 12.73 -11.45 -12.17
N GLU C 44 13.73 -12.08 -12.81
CA GLU C 44 13.50 -13.19 -13.71
C GLU C 44 14.40 -14.32 -13.29
N TYR C 45 13.89 -15.53 -13.37
CA TYR C 45 14.73 -16.70 -13.11
C TYR C 45 14.97 -17.41 -14.44
N ARG C 46 16.24 -17.49 -14.83
CA ARG C 46 16.63 -18.13 -16.06
C ARG C 46 17.23 -19.44 -15.73
N GLY C 47 16.98 -20.41 -16.60
CA GLY C 47 17.50 -21.76 -16.42
C GLY C 47 16.91 -22.72 -17.43
N THR C 48 17.13 -24.00 -17.15
CA THR C 48 16.66 -25.05 -18.02
C THR C 48 15.44 -25.58 -17.42
N LEU C 49 14.43 -25.77 -18.22
CA LEU C 49 13.16 -26.20 -17.66
C LEU C 49 13.16 -27.65 -17.40
N VAL C 50 13.58 -28.04 -16.23
CA VAL C 50 13.59 -29.46 -15.95
C VAL C 50 12.20 -30.09 -16.14
N SER C 51 11.28 -29.87 -15.20
CA SER C 51 9.96 -30.53 -15.22
C SER C 51 8.84 -29.57 -14.94
N THR C 52 7.60 -30.03 -15.10
CA THR C 52 6.39 -29.20 -14.90
C THR C 52 5.14 -29.99 -14.64
N ASP C 53 4.03 -29.28 -14.67
CA ASP C 53 2.71 -29.88 -14.46
C ASP C 53 1.61 -28.81 -14.65
N ASN C 54 0.56 -29.15 -15.39
CA ASN C 54 -0.58 -28.22 -15.63
C ASN C 54 -0.65 -27.05 -14.62
N TYR C 55 -0.45 -27.41 -13.36
CA TYR C 55 -0.48 -26.46 -12.25
C TYR C 55 0.52 -25.31 -12.33
N PHE C 56 1.34 -25.31 -13.40
CA PHE C 56 2.42 -24.33 -13.63
C PHE C 56 3.49 -24.43 -12.54
N ASN C 57 3.66 -25.58 -11.91
CA ASN C 57 4.62 -25.66 -10.85
C ASN C 57 5.85 -26.20 -11.54
N LEU C 58 6.98 -25.53 -11.43
CA LEU C 58 8.14 -25.95 -12.20
C LEU C 58 9.49 -26.03 -11.49
N GLN C 59 10.30 -26.94 -12.03
CA GLN C 59 11.67 -27.32 -11.61
C GLN C 59 12.66 -26.76 -12.57
N LEU C 60 13.51 -25.91 -12.06
CA LEU C 60 14.46 -25.25 -12.90
C LEU C 60 15.85 -25.74 -12.50
N ASN C 61 16.70 -25.94 -13.49
CA ASN C 61 18.04 -26.38 -13.22
C ASN C 61 18.97 -25.28 -13.57
N GLU C 62 20.02 -25.14 -12.78
CA GLU C 62 21.05 -24.13 -13.05
C GLU C 62 20.39 -22.76 -13.14
N ALA C 63 19.66 -22.45 -12.07
CA ALA C 63 18.88 -21.20 -11.97
C ALA C 63 19.65 -19.93 -11.58
N GLU C 64 19.57 -18.94 -12.46
CA GLU C 64 20.31 -17.69 -12.33
C GLU C 64 19.31 -16.57 -12.11
N GLU C 65 19.45 -15.88 -11.00
CA GLU C 65 18.50 -14.84 -10.59
C GLU C 65 18.76 -13.55 -11.32
N PHE C 66 17.75 -13.06 -12.03
CA PHE C 66 17.97 -11.82 -12.78
C PHE C 66 17.13 -10.66 -12.35
N VAL C 67 17.79 -9.55 -12.09
CA VAL C 67 17.14 -8.35 -11.62
C VAL C 67 17.45 -7.17 -12.50
N ALA C 68 16.42 -6.75 -13.21
CA ALA C 68 16.57 -5.66 -14.20
C ALA C 68 17.53 -6.17 -15.23
N GLY C 69 17.45 -7.43 -15.54
CA GLY C 69 18.38 -7.95 -16.50
C GLY C 69 19.78 -7.83 -15.93
N VAL C 70 19.91 -8.07 -14.63
CA VAL C 70 21.23 -8.12 -14.05
C VAL C 70 21.38 -9.34 -13.18
N SER C 71 22.49 -10.03 -13.28
CA SER C 71 22.64 -11.25 -12.51
C SER C 71 22.83 -10.97 -11.06
N HIS C 72 22.14 -11.74 -10.24
CA HIS C 72 22.29 -11.63 -8.79
C HIS C 72 22.79 -12.93 -8.11
N GLY C 73 23.57 -13.66 -8.88
CA GLY C 73 24.14 -14.93 -8.43
C GLY C 73 23.44 -16.12 -9.07
N THR C 74 23.74 -17.30 -8.60
CA THR C 74 23.09 -18.47 -9.15
C THR C 74 22.48 -19.28 -8.05
N LEU C 75 21.30 -19.82 -8.34
CA LEU C 75 20.62 -20.71 -7.41
C LEU C 75 20.66 -22.04 -8.07
N GLY C 76 20.75 -23.08 -7.26
CA GLY C 76 20.95 -24.40 -7.80
C GLY C 76 19.77 -24.85 -8.62
N GLU C 77 19.21 -25.95 -8.18
CA GLU C 77 17.99 -26.42 -8.77
C GLU C 77 17.03 -25.67 -7.93
N ILE C 78 16.01 -25.05 -8.51
CA ILE C 78 14.98 -24.41 -7.70
C ILE C 78 13.64 -24.97 -8.08
N PHE C 79 12.78 -25.10 -7.08
CA PHE C 79 11.39 -25.46 -7.34
C PHE C 79 10.48 -24.24 -7.07
N ILE C 80 9.92 -23.75 -8.16
CA ILE C 80 9.11 -22.55 -8.18
C ILE C 80 7.64 -22.86 -8.13
N ARG C 81 6.87 -21.89 -7.64
CA ARG C 81 5.42 -22.03 -7.54
C ARG C 81 4.72 -21.19 -8.59
N SER C 82 3.69 -21.75 -9.20
CA SER C 82 3.00 -21.09 -10.31
C SER C 82 2.50 -19.72 -9.90
N ASN C 83 1.80 -19.67 -8.79
CA ASN C 83 1.16 -18.45 -8.28
C ASN C 83 1.92 -17.19 -8.57
N ASN C 84 3.20 -17.23 -8.17
CA ASN C 84 4.16 -16.11 -8.30
C ASN C 84 4.66 -15.84 -9.73
N VAL C 85 4.24 -16.69 -10.66
CA VAL C 85 4.75 -16.62 -12.01
C VAL C 85 3.91 -15.87 -12.96
N LEU C 86 4.49 -14.87 -13.57
CA LEU C 86 3.75 -14.10 -14.53
C LEU C 86 3.72 -14.83 -15.82
N TYR C 87 4.91 -15.12 -16.34
CA TYR C 87 5.04 -15.79 -17.62
C TYR C 87 6.41 -16.38 -17.79
N ILE C 88 6.44 -17.42 -18.62
CA ILE C 88 7.66 -18.16 -18.99
C ILE C 88 7.90 -17.98 -20.46
N ARG C 89 9.16 -17.84 -20.77
CA ARG C 89 9.61 -17.67 -22.14
C ARG C 89 10.87 -18.49 -22.43
N GLU C 90 11.11 -18.70 -23.71
CA GLU C 90 12.22 -19.50 -24.16
C GLU C 90 13.44 -18.63 -24.36
N LEU C 91 14.52 -19.00 -23.68
CA LEU C 91 15.79 -18.31 -23.87
C LEU C 91 16.49 -18.78 -25.16
N PRO C 92 17.81 -18.74 -25.25
CA PRO C 92 18.40 -18.88 -26.57
C PRO C 92 18.80 -20.18 -27.12
N ASN C 93 19.03 -19.98 -28.40
CA ASN C 93 19.77 -20.88 -29.21
C ASN C 93 21.07 -20.15 -28.86
N LYS D 23 -14.37 -29.30 -22.91
CA LYS D 23 -15.06 -28.10 -23.49
C LYS D 23 -14.14 -26.85 -23.55
N PRO D 24 -13.52 -26.39 -24.66
CA PRO D 24 -12.88 -25.04 -24.64
C PRO D 24 -13.64 -23.66 -24.83
N PHE D 25 -13.31 -22.72 -23.91
CA PHE D 25 -13.90 -21.32 -23.76
C PHE D 25 -13.48 -20.35 -24.88
N LEU D 26 -12.42 -19.60 -24.68
CA LEU D 26 -11.93 -18.68 -25.71
C LEU D 26 -11.66 -19.29 -27.11
N LYS D 27 -11.56 -20.61 -27.19
CA LYS D 27 -11.04 -21.29 -28.40
C LYS D 27 -11.03 -20.47 -29.69
N GLY D 28 -12.08 -19.71 -29.93
CA GLY D 28 -12.25 -18.91 -31.16
C GLY D 28 -11.20 -17.87 -31.57
N LEU D 29 -10.15 -17.73 -30.77
CA LEU D 29 -9.15 -16.73 -31.09
C LEU D 29 -7.83 -17.37 -31.47
N VAL D 30 -7.79 -18.69 -31.33
CA VAL D 30 -6.58 -19.42 -31.65
C VAL D 30 -6.13 -19.01 -33.05
N ASN D 31 -4.83 -18.81 -33.21
CA ASN D 31 -4.31 -18.26 -34.47
C ASN D 31 -4.85 -16.89 -34.84
N HIS D 32 -5.26 -16.13 -33.83
CA HIS D 32 -5.60 -14.73 -34.04
C HIS D 32 -4.66 -13.77 -33.36
N ARG D 33 -4.64 -12.59 -33.92
CA ARG D 33 -3.81 -11.55 -33.41
C ARG D 33 -4.60 -10.94 -32.25
N VAL D 34 -4.14 -11.20 -31.03
CA VAL D 34 -4.79 -10.70 -29.82
C VAL D 34 -3.96 -9.90 -28.84
N GLY D 35 -4.66 -9.22 -27.96
CA GLY D 35 -4.00 -8.45 -26.93
C GLY D 35 -4.40 -9.04 -25.60
N VAL D 36 -3.39 -9.37 -24.80
CA VAL D 36 -3.58 -9.87 -23.48
C VAL D 36 -3.16 -8.69 -22.73
N LYS D 37 -4.06 -8.20 -21.87
CA LYS D 37 -3.85 -7.04 -20.99
C LYS D 37 -3.72 -7.56 -19.56
N LEU D 38 -2.81 -7.00 -18.77
CA LEU D 38 -2.67 -7.45 -17.39
C LEU D 38 -3.39 -6.54 -16.32
N LYS D 39 -3.69 -7.12 -15.15
CA LYS D 39 -4.41 -6.36 -14.11
C LYS D 39 -3.65 -5.07 -13.80
N PHE D 40 -2.44 -5.22 -13.27
CA PHE D 40 -1.54 -4.12 -12.87
C PHE D 40 -0.70 -3.58 -14.07
N ASN D 41 -0.49 -2.25 -14.11
CA ASN D 41 0.47 -1.59 -15.06
C ASN D 41 0.22 -1.26 -16.54
N SER D 42 -1.02 -1.14 -17.01
CA SER D 42 -1.18 -0.80 -18.45
C SER D 42 -0.23 -1.49 -19.46
N THR D 43 0.25 -2.65 -19.07
CA THR D 43 1.07 -3.48 -19.91
C THR D 43 0.15 -4.32 -20.72
N GLU D 44 0.53 -4.57 -21.96
CA GLU D 44 -0.28 -5.41 -22.84
C GLU D 44 0.65 -6.33 -23.58
N TYR D 45 0.40 -7.65 -23.60
CA TYR D 45 1.23 -8.55 -24.44
C TYR D 45 0.46 -8.90 -25.72
N ARG D 46 0.96 -8.42 -26.83
CA ARG D 46 0.30 -8.65 -28.10
C ARG D 46 1.00 -9.79 -28.84
N GLY D 47 0.22 -10.69 -29.38
CA GLY D 47 0.78 -11.75 -30.18
C GLY D 47 -0.29 -12.59 -30.85
N THR D 48 0.10 -13.76 -31.28
CA THR D 48 -0.85 -14.68 -31.84
C THR D 48 -1.05 -15.74 -30.75
N LEU D 49 -2.17 -16.46 -30.72
CA LEU D 49 -2.37 -17.47 -29.66
C LEU D 49 -2.16 -18.86 -30.18
N VAL D 50 -1.19 -19.54 -29.61
CA VAL D 50 -0.98 -20.88 -29.99
C VAL D 50 -2.21 -21.62 -29.47
N SER D 51 -2.21 -21.74 -28.16
CA SER D 51 -3.17 -22.56 -27.43
C SER D 51 -3.58 -21.89 -26.10
N THR D 52 -4.79 -22.22 -25.66
CA THR D 52 -5.39 -21.69 -24.45
C THR D 52 -6.22 -22.72 -23.85
N ASP D 53 -6.36 -22.78 -22.55
CA ASP D 53 -7.31 -23.76 -22.04
C ASP D 53 -8.22 -23.10 -21.04
N ASN D 54 -9.40 -23.68 -20.78
CA ASN D 54 -10.40 -23.17 -19.81
C ASN D 54 -9.77 -22.35 -18.68
N TYR D 55 -8.55 -22.75 -18.31
CA TYR D 55 -7.78 -22.05 -17.27
C TYR D 55 -7.31 -20.62 -17.63
N PHE D 56 -7.51 -20.18 -18.88
CA PHE D 56 -7.06 -18.86 -19.35
C PHE D 56 -5.56 -18.72 -19.37
N ASN D 57 -4.83 -19.83 -19.19
CA ASN D 57 -3.38 -19.81 -19.22
C ASN D 57 -3.15 -19.86 -20.65
N LEU D 58 -2.31 -19.01 -21.22
CA LEU D 58 -2.22 -19.08 -22.67
C LEU D 58 -0.86 -18.90 -23.28
N GLN D 59 -0.70 -19.49 -24.45
CA GLN D 59 0.52 -19.40 -25.21
C GLN D 59 0.44 -18.31 -26.28
N LEU D 60 1.46 -17.48 -26.32
CA LEU D 60 1.54 -16.38 -27.27
C LEU D 60 2.79 -16.42 -28.18
N ASN D 61 2.58 -16.21 -29.48
CA ASN D 61 3.71 -16.20 -30.39
C ASN D 61 4.10 -14.83 -30.90
N GLU D 62 5.40 -14.63 -31.08
CA GLU D 62 5.90 -13.36 -31.54
C GLU D 62 5.29 -12.30 -30.65
N ALA D 63 5.61 -12.40 -29.36
CA ALA D 63 5.03 -11.52 -28.32
C ALA D 63 5.69 -10.15 -28.28
N GLU D 64 4.86 -9.13 -28.20
CA GLU D 64 5.33 -7.75 -28.09
C GLU D 64 4.69 -7.06 -26.85
N GLU D 65 5.54 -6.77 -25.87
CA GLU D 65 5.13 -6.14 -24.66
C GLU D 65 4.77 -4.72 -25.00
N PHE D 66 3.71 -4.25 -24.42
CA PHE D 66 3.31 -2.88 -24.62
C PHE D 66 2.94 -2.23 -23.29
N VAL D 67 3.43 -1.02 -23.14
CA VAL D 67 3.29 -0.28 -21.92
C VAL D 67 2.71 1.03 -22.28
N ALA D 68 1.47 1.26 -21.90
CA ALA D 68 0.86 2.56 -22.17
C ALA D 68 0.72 2.85 -23.66
N GLY D 69 0.75 1.81 -24.46
CA GLY D 69 0.60 1.99 -25.87
C GLY D 69 1.95 2.08 -26.57
N VAL D 70 3.01 1.83 -25.82
CA VAL D 70 4.31 1.85 -26.41
C VAL D 70 4.95 0.47 -26.51
N SER D 71 5.76 0.26 -27.53
CA SER D 71 6.47 -1.00 -27.61
C SER D 71 7.73 -1.00 -26.81
N HIS D 72 7.83 -2.00 -25.97
CA HIS D 72 8.97 -2.17 -25.08
C HIS D 72 9.72 -3.43 -25.45
N GLY D 73 9.52 -3.87 -26.66
CA GLY D 73 10.29 -5.00 -27.08
C GLY D 73 9.48 -6.17 -27.48
N THR D 74 10.23 -7.19 -27.89
CA THR D 74 9.66 -8.41 -28.34
C THR D 74 10.20 -9.54 -27.53
N LEU D 75 9.29 -10.39 -27.12
CA LEU D 75 9.66 -11.56 -26.38
C LEU D 75 9.35 -12.66 -27.31
N GLY D 76 9.98 -13.78 -27.08
CA GLY D 76 9.75 -14.90 -27.98
C GLY D 76 8.28 -15.32 -27.95
N GLU D 77 8.16 -16.61 -27.66
CA GLU D 77 6.87 -17.25 -27.49
C GLU D 77 6.75 -17.18 -26.01
N ILE D 78 5.60 -16.80 -25.48
CA ILE D 78 5.48 -16.78 -24.02
C ILE D 78 4.32 -17.60 -23.57
N PHE D 79 4.41 -18.09 -22.36
CA PHE D 79 3.29 -18.81 -21.82
C PHE D 79 2.87 -17.99 -20.64
N ILE D 80 1.66 -17.45 -20.71
CA ILE D 80 1.12 -16.52 -19.69
C ILE D 80 0.24 -17.17 -18.61
N ARG D 81 0.30 -16.68 -17.41
CA ARG D 81 -0.52 -17.28 -16.39
C ARG D 81 -1.83 -16.52 -16.22
N SER D 82 -2.95 -17.20 -16.41
CA SER D 82 -4.28 -16.58 -16.35
C SER D 82 -4.37 -15.47 -15.33
N ASN D 83 -4.12 -15.80 -14.07
CA ASN D 83 -4.29 -14.85 -12.96
C ASN D 83 -3.98 -13.38 -13.31
N ASN D 84 -2.79 -13.15 -13.81
CA ASN D 84 -2.39 -11.80 -14.13
C ASN D 84 -3.11 -11.22 -15.32
N VAL D 85 -4.12 -11.89 -15.77
CA VAL D 85 -4.77 -11.41 -16.92
C VAL D 85 -6.08 -10.77 -16.71
N LEU D 86 -6.17 -9.51 -17.06
CA LEU D 86 -7.41 -8.78 -16.94
C LEU D 86 -8.38 -9.26 -17.99
N TYR D 87 -7.95 -9.16 -19.22
CA TYR D 87 -8.83 -9.60 -20.25
C TYR D 87 -8.05 -9.76 -21.49
N ILE D 88 -8.67 -10.40 -22.49
CA ILE D 88 -8.12 -10.56 -23.79
C ILE D 88 -8.96 -10.02 -24.89
N ARG D 89 -8.32 -9.41 -25.87
CA ARG D 89 -9.04 -8.90 -27.02
C ARG D 89 -8.38 -9.30 -28.34
N GLU D 90 -9.15 -9.16 -29.41
CA GLU D 90 -8.70 -9.41 -30.74
C GLU D 90 -8.20 -8.09 -31.28
N LEU D 91 -7.01 -8.14 -31.84
CA LEU D 91 -6.35 -6.97 -32.37
C LEU D 91 -6.84 -6.73 -33.75
N PRO D 92 -7.28 -5.48 -33.97
CA PRO D 92 -7.81 -5.04 -35.28
C PRO D 92 -6.95 -5.37 -36.52
N ASN D 93 -7.49 -6.33 -37.26
CA ASN D 93 -6.93 -6.74 -38.55
C ASN D 93 -6.15 -5.61 -39.24
N LEU E 26 -26.88 -16.73 -14.69
CA LEU E 26 -26.14 -15.60 -15.34
C LEU E 26 -26.50 -15.48 -16.82
N LYS E 27 -26.72 -16.63 -17.42
CA LYS E 27 -27.23 -16.77 -18.78
C LYS E 27 -28.48 -15.95 -19.11
N GLY E 28 -29.12 -15.41 -18.08
CA GLY E 28 -30.30 -14.55 -18.24
C GLY E 28 -29.99 -13.19 -18.84
N LEU E 29 -28.71 -12.92 -19.12
CA LEU E 29 -28.24 -11.65 -19.71
C LEU E 29 -27.60 -11.75 -21.09
N VAL E 30 -27.29 -12.94 -21.51
CA VAL E 30 -26.73 -13.09 -22.84
C VAL E 30 -27.50 -12.23 -23.86
N ASN E 31 -26.79 -11.77 -24.87
CA ASN E 31 -27.31 -10.82 -25.86
C ASN E 31 -28.16 -9.69 -25.25
N HIS E 32 -27.70 -9.25 -24.09
CA HIS E 32 -28.17 -8.03 -23.44
C HIS E 32 -27.01 -7.07 -23.24
N ARG E 33 -27.34 -5.79 -23.28
CA ARG E 33 -26.35 -4.74 -23.08
C ARG E 33 -25.96 -4.67 -21.57
N VAL E 34 -24.72 -4.97 -21.25
CA VAL E 34 -24.30 -4.99 -19.84
C VAL E 34 -23.07 -4.15 -19.52
N GLY E 35 -22.83 -3.98 -18.23
CA GLY E 35 -21.68 -3.25 -17.74
C GLY E 35 -20.93 -4.16 -16.82
N VAL E 36 -19.63 -4.30 -17.02
CA VAL E 36 -18.87 -5.14 -16.13
C VAL E 36 -18.01 -4.24 -15.34
N LYS E 37 -18.28 -4.18 -14.07
CA LYS E 37 -17.57 -3.32 -13.15
C LYS E 37 -16.32 -3.97 -12.59
N LEU E 38 -15.19 -3.39 -12.89
CA LEU E 38 -13.99 -3.93 -12.28
C LEU E 38 -13.81 -3.44 -10.86
N LYS E 39 -13.60 -4.41 -10.04
CA LYS E 39 -13.33 -4.22 -8.66
C LYS E 39 -12.30 -3.22 -8.41
N PHE E 40 -11.19 -3.34 -9.08
CA PHE E 40 -10.10 -2.48 -8.64
C PHE E 40 -10.17 -0.95 -8.86
N ASN E 41 -10.62 -0.51 -10.02
CA ASN E 41 -10.68 0.95 -10.24
C ASN E 41 -11.95 1.36 -10.94
N SER E 42 -12.56 2.48 -10.56
CA SER E 42 -13.85 2.88 -11.16
C SER E 42 -13.92 2.75 -12.68
N THR E 43 -13.59 1.56 -13.16
CA THR E 43 -13.54 1.16 -14.57
C THR E 43 -14.64 0.18 -14.78
N GLU E 44 -15.42 0.39 -15.83
CA GLU E 44 -16.51 -0.54 -16.12
C GLU E 44 -16.57 -0.68 -17.57
N TYR E 45 -16.59 -1.92 -18.04
CA TYR E 45 -16.68 -2.23 -19.49
C TYR E 45 -18.09 -2.45 -19.91
N ARG E 46 -18.56 -1.66 -20.85
CA ARG E 46 -19.92 -1.86 -21.35
C ARG E 46 -19.99 -2.47 -22.76
N GLY E 47 -20.95 -3.37 -22.90
CA GLY E 47 -21.15 -4.06 -24.13
C GLY E 47 -22.25 -5.08 -23.97
N THR E 48 -22.42 -5.89 -24.99
CA THR E 48 -23.43 -6.91 -25.07
C THR E 48 -22.77 -8.20 -24.65
N LEU E 49 -23.43 -8.97 -23.83
CA LEU E 49 -22.78 -10.16 -23.29
C LEU E 49 -22.90 -11.35 -24.17
N VAL E 50 -21.95 -11.55 -25.02
CA VAL E 50 -22.08 -12.66 -25.93
C VAL E 50 -22.20 -13.98 -25.18
N SER E 51 -21.23 -14.31 -24.34
CA SER E 51 -21.29 -15.63 -23.69
C SER E 51 -20.55 -15.74 -22.39
N THR E 52 -20.78 -16.84 -21.70
CA THR E 52 -20.25 -16.98 -20.36
C THR E 52 -20.19 -18.37 -19.92
N ASP E 53 -20.01 -18.50 -18.62
CA ASP E 53 -20.03 -19.77 -17.99
C ASP E 53 -19.87 -19.56 -16.53
N ASN E 54 -20.47 -20.47 -15.75
CA ASN E 54 -20.46 -20.44 -14.27
C ASN E 54 -19.27 -19.66 -13.67
N TYR E 55 -18.09 -19.93 -14.24
CA TYR E 55 -16.84 -19.31 -13.80
C TYR E 55 -16.80 -17.78 -13.77
N PHE E 56 -17.79 -17.14 -14.37
CA PHE E 56 -17.84 -15.67 -14.41
C PHE E 56 -16.80 -15.16 -15.38
N ASN E 57 -16.35 -16.01 -16.29
CA ASN E 57 -15.43 -15.55 -17.31
C ASN E 57 -16.43 -15.10 -18.34
N LEU E 58 -16.25 -13.96 -18.98
CA LEU E 58 -17.30 -13.60 -19.93
C LEU E 58 -16.78 -12.91 -21.14
N GLN E 59 -17.56 -13.06 -22.20
CA GLN E 59 -17.24 -12.56 -23.50
C GLN E 59 -18.10 -11.37 -23.75
N LEU E 60 -17.51 -10.25 -24.07
CA LEU E 60 -18.29 -9.05 -24.31
C LEU E 60 -18.12 -8.57 -25.73
N ASN E 61 -19.22 -8.08 -26.31
CA ASN E 61 -19.19 -7.56 -27.67
C ASN E 61 -19.34 -6.05 -27.69
N GLU E 62 -18.58 -5.47 -28.61
CA GLU E 62 -18.57 -4.02 -28.82
C GLU E 62 -18.36 -3.42 -27.48
N ALA E 63 -17.21 -3.75 -26.92
CA ALA E 63 -16.85 -3.28 -25.61
C ALA E 63 -16.49 -1.81 -25.64
N GLU E 64 -16.97 -1.09 -24.64
CA GLU E 64 -16.59 0.31 -24.42
C GLU E 64 -16.11 0.47 -22.96
N GLU E 65 -14.90 0.93 -22.80
CA GLU E 65 -14.32 1.11 -21.47
C GLU E 65 -14.65 2.48 -20.92
N PHE E 66 -15.11 2.43 -19.68
CA PHE E 66 -15.70 3.58 -19.02
C PHE E 66 -15.08 3.94 -17.70
N VAL E 67 -14.47 5.10 -17.67
CA VAL E 67 -13.70 5.52 -16.54
C VAL E 67 -14.41 6.61 -15.79
N ALA E 68 -14.89 6.24 -14.64
CA ALA E 68 -15.60 7.20 -13.89
C ALA E 68 -16.71 7.64 -14.79
N GLY E 69 -17.22 6.72 -15.59
CA GLY E 69 -18.37 7.06 -16.40
C GLY E 69 -18.08 8.04 -17.51
N VAL E 70 -16.90 7.94 -18.08
CA VAL E 70 -16.57 8.74 -19.24
C VAL E 70 -15.97 7.75 -20.11
N SER E 71 -16.21 7.81 -21.41
CA SER E 71 -15.65 6.80 -22.29
C SER E 71 -14.26 7.03 -22.65
N HIS E 72 -13.53 5.95 -22.56
CA HIS E 72 -12.16 5.98 -22.97
C HIS E 72 -11.94 5.16 -24.24
N GLY E 73 -12.85 5.20 -25.19
CA GLY E 73 -12.62 4.40 -26.38
C GLY E 73 -13.25 3.03 -26.41
N THR E 74 -13.20 2.45 -27.61
CA THR E 74 -13.85 1.20 -27.95
C THR E 74 -12.85 0.10 -28.14
N LEU E 75 -13.05 -0.95 -27.39
CA LEU E 75 -12.24 -2.13 -27.49
C LEU E 75 -13.12 -3.04 -28.31
N GLY E 76 -12.55 -3.98 -29.02
CA GLY E 76 -13.40 -4.87 -29.82
C GLY E 76 -14.23 -5.83 -28.97
N GLU E 77 -14.10 -7.11 -29.31
CA GLU E 77 -14.68 -8.20 -28.53
C GLU E 77 -13.74 -8.46 -27.36
N ILE E 78 -14.21 -8.59 -26.14
CA ILE E 78 -13.23 -8.96 -25.14
C ILE E 78 -13.69 -10.17 -24.36
N PHE E 79 -12.72 -10.90 -23.86
CA PHE E 79 -12.95 -12.08 -23.06
C PHE E 79 -12.32 -11.75 -21.73
N ILE E 80 -13.14 -11.44 -20.75
CA ILE E 80 -12.72 -10.99 -19.42
C ILE E 80 -12.66 -12.09 -18.37
N ARG E 81 -11.76 -11.90 -17.41
CA ARG E 81 -11.57 -12.88 -16.35
C ARG E 81 -12.18 -12.53 -15.02
N SER E 82 -13.21 -13.30 -14.66
CA SER E 82 -13.94 -13.17 -13.42
C SER E 82 -13.15 -12.45 -12.35
N ASN E 83 -12.14 -13.10 -11.88
CA ASN E 83 -11.44 -12.57 -10.75
C ASN E 83 -11.41 -11.08 -10.71
N ASN E 84 -11.35 -10.42 -11.84
CA ASN E 84 -11.27 -8.94 -11.83
C ASN E 84 -12.64 -8.23 -11.72
N VAL E 85 -13.67 -9.03 -11.73
CA VAL E 85 -15.02 -8.54 -11.75
C VAL E 85 -15.58 -8.38 -10.39
N LEU E 86 -16.29 -7.27 -10.20
CA LEU E 86 -16.99 -6.98 -8.97
C LEU E 86 -18.40 -7.33 -9.21
N TYR E 87 -18.98 -6.69 -10.21
CA TYR E 87 -20.36 -6.97 -10.54
C TYR E 87 -20.73 -6.71 -11.96
N ILE E 88 -21.86 -7.26 -12.36
CA ILE E 88 -22.36 -7.06 -13.68
C ILE E 88 -23.72 -6.58 -13.66
N ARG E 89 -24.02 -5.53 -14.39
CA ARG E 89 -25.38 -5.02 -14.36
C ARG E 89 -25.95 -4.88 -15.73
N GLU E 90 -27.27 -4.88 -15.79
CA GLU E 90 -27.94 -4.79 -17.07
C GLU E 90 -28.02 -3.34 -17.37
N LEU E 91 -27.55 -3.01 -18.57
CA LEU E 91 -27.65 -1.65 -19.08
C LEU E 91 -28.96 -1.46 -19.82
N PRO E 92 -29.61 -0.48 -19.27
CA PRO E 92 -30.93 0.01 -19.61
C PRO E 92 -31.77 -0.29 -20.78
N ASN E 93 -32.69 0.65 -20.68
CA ASN E 93 -34.02 0.58 -21.22
C ASN E 93 -34.23 -0.93 -21.49
N PRO F 24 -27.24 -26.16 0.22
CA PRO F 24 -27.04 -24.73 0.42
C PRO F 24 -27.17 -24.21 1.82
N PHE F 25 -26.93 -22.89 1.78
CA PHE F 25 -26.78 -21.98 2.90
C PHE F 25 -27.57 -20.68 2.71
N LEU F 26 -27.47 -20.09 1.54
CA LEU F 26 -28.13 -18.82 1.29
C LEU F 26 -29.51 -18.94 0.67
N LYS F 27 -29.92 -20.16 0.37
CA LYS F 27 -31.22 -20.34 -0.27
C LYS F 27 -32.31 -19.78 0.58
N GLY F 28 -32.04 -19.70 1.88
CA GLY F 28 -33.01 -19.17 2.83
C GLY F 28 -33.39 -17.71 2.59
N LEU F 29 -32.42 -16.93 2.16
CA LEU F 29 -32.66 -15.52 1.95
C LEU F 29 -33.28 -15.19 0.60
N VAL F 30 -33.44 -16.16 -0.27
CA VAL F 30 -33.96 -15.80 -1.57
C VAL F 30 -35.21 -14.98 -1.39
N ASN F 31 -35.47 -14.09 -2.33
CA ASN F 31 -36.65 -13.23 -2.28
C ASN F 31 -36.74 -12.31 -1.08
N HIS F 32 -35.64 -12.14 -0.38
CA HIS F 32 -35.69 -11.24 0.73
C HIS F 32 -34.95 -9.97 0.38
N ARG F 33 -35.28 -8.91 1.09
CA ARG F 33 -34.56 -7.67 0.94
C ARG F 33 -33.34 -7.92 1.82
N VAL F 34 -32.16 -7.79 1.23
CA VAL F 34 -30.87 -8.00 1.89
C VAL F 34 -29.84 -6.90 1.63
N GLY F 35 -28.77 -6.96 2.40
CA GLY F 35 -27.69 -6.03 2.21
C GLY F 35 -26.47 -6.82 1.94
N VAL F 36 -25.75 -6.47 0.89
CA VAL F 36 -24.50 -7.16 0.61
C VAL F 36 -23.46 -6.15 0.86
N LYS F 37 -22.54 -6.48 1.76
CA LYS F 37 -21.49 -5.56 2.15
C LYS F 37 -20.16 -5.99 1.60
N LEU F 38 -19.47 -5.10 0.92
CA LEU F 38 -18.23 -5.52 0.30
C LEU F 38 -17.08 -5.55 1.29
N LYS F 39 -15.88 -5.91 0.84
CA LYS F 39 -14.77 -6.08 1.77
C LYS F 39 -13.76 -4.97 1.75
N PHE F 40 -13.83 -4.04 0.79
CA PHE F 40 -12.78 -2.99 0.68
C PHE F 40 -13.24 -1.56 0.92
N ASN F 41 -14.51 -1.30 0.72
CA ASN F 41 -14.97 0.07 0.97
C ASN F 41 -16.14 0.01 1.88
N SER F 42 -16.61 1.16 2.29
CA SER F 42 -17.82 1.20 3.09
C SER F 42 -18.98 1.22 2.13
N THR F 43 -19.06 0.18 1.30
CA THR F 43 -20.09 0.12 0.32
C THR F 43 -20.92 -1.07 0.58
N GLU F 44 -22.21 -0.88 0.33
CA GLU F 44 -23.23 -1.90 0.53
C GLU F 44 -24.27 -1.71 -0.54
N TYR F 45 -24.61 -2.82 -1.17
CA TYR F 45 -25.58 -2.87 -2.23
C TYR F 45 -26.82 -3.44 -1.58
N ARG F 46 -27.97 -2.80 -1.76
CA ARG F 46 -29.16 -3.33 -1.13
C ARG F 46 -30.11 -3.72 -2.16
N GLY F 47 -30.87 -4.76 -1.85
CA GLY F 47 -31.86 -5.26 -2.77
C GLY F 47 -32.44 -6.60 -2.44
N THR F 48 -33.31 -7.02 -3.32
CA THR F 48 -34.00 -8.29 -3.19
C THR F 48 -33.15 -9.38 -3.85
N LEU F 49 -32.68 -10.31 -3.03
CA LEU F 49 -31.80 -11.34 -3.54
C LEU F 49 -32.63 -12.29 -4.39
N VAL F 50 -32.51 -12.19 -5.71
CA VAL F 50 -33.26 -13.06 -6.61
C VAL F 50 -32.79 -14.51 -6.60
N SER F 51 -31.47 -14.70 -6.72
CA SER F 51 -30.89 -16.05 -6.79
C SER F 51 -29.46 -16.15 -6.30
N THR F 52 -28.94 -17.36 -6.23
CA THR F 52 -27.62 -17.52 -5.69
C THR F 52 -27.10 -18.86 -5.90
N ASP F 53 -25.95 -19.12 -5.32
CA ASP F 53 -25.37 -20.44 -5.36
C ASP F 53 -24.30 -20.54 -4.28
N ASN F 54 -24.03 -21.77 -3.84
CA ASN F 54 -22.97 -22.07 -2.85
C ASN F 54 -21.76 -21.08 -2.98
N TYR F 55 -21.26 -20.96 -4.21
CA TYR F 55 -20.15 -20.02 -4.50
C TYR F 55 -20.42 -18.60 -4.00
N PHE F 56 -21.53 -18.36 -3.34
CA PHE F 56 -21.83 -17.04 -2.91
C PHE F 56 -22.07 -16.04 -4.03
N ASN F 57 -22.23 -16.48 -5.26
CA ASN F 57 -22.40 -15.51 -6.32
C ASN F 57 -23.87 -15.13 -6.40
N LEU F 58 -24.18 -13.85 -6.23
CA LEU F 58 -25.58 -13.49 -6.14
C LEU F 58 -26.04 -12.47 -7.11
N GLN F 59 -27.33 -12.53 -7.36
CA GLN F 59 -28.02 -11.66 -8.28
C GLN F 59 -28.93 -10.80 -7.48
N LEU F 60 -28.87 -9.51 -7.68
CA LEU F 60 -29.68 -8.62 -6.89
C LEU F 60 -30.69 -7.98 -7.77
N ASN F 61 -31.82 -7.65 -7.18
CA ASN F 61 -32.88 -6.94 -7.91
C ASN F 61 -33.12 -5.58 -7.23
N GLU F 62 -33.29 -4.54 -8.05
CA GLU F 62 -33.53 -3.19 -7.53
C GLU F 62 -32.41 -2.80 -6.63
N ALA F 63 -31.21 -3.02 -7.12
CA ALA F 63 -30.01 -2.79 -6.34
C ALA F 63 -29.86 -1.31 -6.07
N GLU F 64 -29.45 -0.95 -4.86
CA GLU F 64 -29.16 0.45 -4.58
C GLU F 64 -27.86 0.48 -3.85
N GLU F 65 -26.94 1.22 -4.40
CA GLU F 65 -25.60 1.31 -3.86
C GLU F 65 -25.57 2.25 -2.63
N PHE F 66 -24.95 1.77 -1.55
CA PHE F 66 -24.86 2.59 -0.32
C PHE F 66 -23.46 2.81 0.21
N VAL F 67 -23.07 4.07 0.22
CA VAL F 67 -21.76 4.44 0.64
C VAL F 67 -21.73 5.14 1.95
N ALA F 68 -21.23 4.48 3.01
CA ALA F 68 -21.19 5.16 4.30
C ALA F 68 -22.62 5.37 4.78
N GLY F 69 -23.52 4.67 4.12
CA GLY F 69 -24.92 4.78 4.44
C GLY F 69 -25.69 5.76 3.58
N VAL F 70 -25.12 6.14 2.45
CA VAL F 70 -25.76 7.12 1.63
C VAL F 70 -26.05 6.70 0.22
N SER F 71 -27.28 6.74 -0.17
CA SER F 71 -27.58 6.23 -1.47
C SER F 71 -26.77 6.93 -2.50
N HIS F 72 -26.05 6.14 -3.28
CA HIS F 72 -25.37 6.72 -4.42
C HIS F 72 -26.06 6.27 -5.69
N GLY F 73 -27.38 6.17 -5.65
CA GLY F 73 -28.10 5.80 -6.85
C GLY F 73 -28.46 4.34 -6.97
N THR F 74 -29.14 4.05 -8.07
CA THR F 74 -29.68 2.74 -8.32
C THR F 74 -29.18 2.02 -9.51
N LEU F 75 -28.73 0.80 -9.33
CA LEU F 75 -28.34 -0.03 -10.46
C LEU F 75 -29.47 -0.99 -10.76
N GLY F 76 -29.58 -1.41 -11.99
CA GLY F 76 -30.65 -2.31 -12.34
C GLY F 76 -30.55 -3.61 -11.56
N GLU F 77 -30.47 -4.71 -12.32
CA GLU F 77 -30.22 -6.04 -11.81
C GLU F 77 -28.72 -6.22 -11.87
N ILE F 78 -28.12 -6.62 -10.78
CA ILE F 78 -26.68 -6.81 -10.76
C ILE F 78 -26.36 -8.23 -10.39
N PHE F 79 -25.19 -8.66 -10.79
CA PHE F 79 -24.74 -9.96 -10.40
C PHE F 79 -23.43 -9.71 -9.74
N ILE F 80 -23.34 -10.12 -8.50
CA ILE F 80 -22.20 -9.81 -7.68
C ILE F 80 -21.32 -11.02 -7.57
N ARG F 81 -20.01 -10.82 -7.55
CA ARG F 81 -19.13 -11.98 -7.42
C ARG F 81 -18.78 -12.13 -5.98
N SER F 82 -18.96 -13.34 -5.46
CA SER F 82 -18.61 -13.69 -4.07
C SER F 82 -17.35 -13.05 -3.49
N ASN F 83 -16.26 -13.30 -4.18
CA ASN F 83 -14.96 -12.84 -3.73
C ASN F 83 -14.93 -11.44 -3.05
N ASN F 84 -15.75 -10.52 -3.54
CA ASN F 84 -15.78 -9.15 -3.02
C ASN F 84 -16.66 -8.96 -1.79
N VAL F 85 -17.30 -10.04 -1.40
CA VAL F 85 -18.32 -9.95 -0.39
C VAL F 85 -17.81 -10.16 0.99
N LEU F 86 -18.18 -9.25 1.89
CA LEU F 86 -17.77 -9.35 3.25
C LEU F 86 -18.80 -10.19 3.91
N TYR F 87 -20.02 -9.70 3.96
CA TYR F 87 -21.13 -10.47 4.50
C TYR F 87 -22.46 -10.13 3.91
N ILE F 88 -23.47 -10.90 4.22
CA ILE F 88 -24.81 -10.52 3.77
C ILE F 88 -25.77 -10.54 4.88
N ARG F 89 -26.57 -9.48 5.01
CA ARG F 89 -27.61 -9.42 6.03
C ARG F 89 -28.97 -9.20 5.39
N GLU F 90 -29.96 -9.41 6.23
CA GLU F 90 -31.34 -9.17 5.88
C GLU F 90 -31.89 -7.78 6.36
N LEU F 91 -32.34 -6.98 5.40
CA LEU F 91 -32.85 -5.65 5.66
C LEU F 91 -34.24 -5.63 6.26
N PRO F 92 -34.28 -4.90 7.37
CA PRO F 92 -35.46 -4.84 8.19
C PRO F 92 -36.43 -3.73 8.12
N ASN F 93 -37.34 -3.47 7.21
CA ASN F 93 -38.32 -2.55 7.86
C ASN F 93 -39.80 -2.89 7.92
N PRO G 24 -16.61 -33.82 13.15
CA PRO G 24 -17.46 -32.60 13.14
C PRO G 24 -16.73 -31.49 13.73
N PHE G 25 -15.70 -31.20 13.03
CA PHE G 25 -14.96 -30.09 13.43
C PHE G 25 -15.80 -28.80 13.66
N LEU G 26 -16.24 -28.12 12.63
CA LEU G 26 -16.91 -26.84 12.85
C LEU G 26 -18.34 -26.87 13.47
N LYS G 27 -19.03 -27.98 13.30
CA LYS G 27 -20.41 -28.11 13.75
C LYS G 27 -20.49 -28.07 15.27
N GLY G 28 -19.38 -28.42 15.91
CA GLY G 28 -19.29 -28.39 17.36
C GLY G 28 -19.81 -27.08 17.93
N LEU G 29 -19.66 -25.99 17.19
CA LEU G 29 -20.07 -24.66 17.68
C LEU G 29 -21.49 -24.23 17.39
N VAL G 30 -22.25 -25.02 16.66
CA VAL G 30 -23.63 -24.64 16.35
C VAL G 30 -24.42 -24.30 17.60
N ASN G 31 -25.39 -23.41 17.45
CA ASN G 31 -26.19 -22.95 18.56
C ASN G 31 -25.37 -22.44 19.74
N HIS G 32 -24.15 -22.01 19.47
CA HIS G 32 -23.33 -21.41 20.50
C HIS G 32 -22.99 -19.97 20.15
N ARG G 33 -22.65 -19.23 21.19
CA ARG G 33 -22.27 -17.83 21.07
C ARG G 33 -20.76 -17.71 20.79
N VAL G 34 -20.48 -17.21 19.61
CA VAL G 34 -19.10 -17.12 19.17
C VAL G 34 -18.64 -15.74 18.79
N GLY G 35 -17.33 -15.63 18.60
CA GLY G 35 -16.75 -14.39 18.11
C GLY G 35 -16.02 -14.64 16.80
N VAL G 36 -16.47 -13.96 15.77
CA VAL G 36 -15.88 -14.06 14.47
C VAL G 36 -14.98 -12.85 14.32
N LYS G 37 -13.69 -13.11 14.10
CA LYS G 37 -12.72 -12.04 13.96
C LYS G 37 -12.26 -11.93 12.54
N LEU G 38 -12.15 -10.73 12.02
CA LEU G 38 -11.71 -10.65 10.64
C LEU G 38 -10.21 -10.41 10.52
N LYS G 39 -9.71 -10.68 9.31
CA LYS G 39 -8.30 -10.51 8.98
C LYS G 39 -7.92 -9.05 9.05
N PHE G 40 -8.81 -8.19 8.55
CA PHE G 40 -8.48 -6.75 8.46
C PHE G 40 -9.23 -5.84 9.43
N ASN G 41 -8.46 -4.93 10.00
CA ASN G 41 -8.94 -4.05 11.06
C ASN G 41 -8.94 -4.97 12.27
N SER G 42 -9.41 -4.46 13.40
CA SER G 42 -9.54 -5.32 14.57
C SER G 42 -11.00 -5.73 14.78
N THR G 43 -11.75 -5.77 13.72
CA THR G 43 -13.17 -6.06 13.79
C THR G 43 -13.61 -7.49 14.12
N GLU G 44 -14.60 -7.58 14.98
CA GLU G 44 -15.16 -8.86 15.42
C GLU G 44 -16.70 -8.85 15.53
N TYR G 45 -17.30 -9.86 14.94
CA TYR G 45 -18.74 -9.98 14.97
C TYR G 45 -19.01 -11.01 16.03
N ARG G 46 -19.91 -10.72 16.94
CA ARG G 46 -20.27 -11.68 17.94
C ARG G 46 -21.74 -12.00 17.81
N GLY G 47 -21.99 -13.28 17.87
CA GLY G 47 -23.34 -13.79 17.80
C GLY G 47 -23.44 -15.30 17.98
N THR G 48 -24.65 -15.78 17.75
CA THR G 48 -24.98 -17.17 17.90
C THR G 48 -24.86 -17.86 16.55
N LEU G 49 -24.08 -18.94 16.51
CA LEU G 49 -23.69 -19.56 15.23
C LEU G 49 -24.71 -20.51 14.69
N VAL G 50 -25.53 -20.02 13.81
CA VAL G 50 -26.60 -20.81 13.28
C VAL G 50 -26.16 -21.98 12.45
N SER G 51 -25.49 -21.70 11.36
CA SER G 51 -25.14 -22.82 10.51
C SER G 51 -23.82 -22.59 9.81
N THR G 52 -23.20 -23.67 9.35
CA THR G 52 -21.92 -23.50 8.74
C THR G 52 -21.70 -24.50 7.69
N ASP G 53 -20.48 -24.52 7.19
CA ASP G 53 -20.08 -25.57 6.29
C ASP G 53 -18.57 -25.60 6.08
N ASN G 54 -17.98 -26.80 6.03
CA ASN G 54 -16.53 -26.99 5.79
C ASN G 54 -15.85 -25.77 5.18
N TYR G 55 -16.59 -25.18 4.23
CA TYR G 55 -16.18 -23.95 3.54
C TYR G 55 -15.96 -22.79 4.47
N PHE G 56 -16.25 -22.97 5.76
CA PHE G 56 -16.16 -21.89 6.75
C PHE G 56 -17.15 -20.76 6.45
N ASN G 57 -18.11 -20.93 5.55
CA ASN G 57 -18.93 -19.78 5.28
C ASN G 57 -19.84 -19.91 6.43
N LEU G 58 -20.24 -18.86 7.10
CA LEU G 58 -21.10 -19.09 8.26
C LEU G 58 -22.33 -18.15 8.43
N GLN G 59 -23.25 -18.60 9.28
CA GLN G 59 -24.49 -17.89 9.52
C GLN G 59 -24.58 -17.52 10.98
N LEU G 60 -24.60 -16.22 11.23
CA LEU G 60 -24.66 -15.66 12.58
C LEU G 60 -26.01 -14.99 12.87
N ASN G 61 -26.54 -15.29 14.01
CA ASN G 61 -27.82 -14.71 14.40
C ASN G 61 -27.59 -13.67 15.46
N GLU G 62 -28.41 -12.64 15.54
CA GLU G 62 -28.20 -11.63 16.61
C GLU G 62 -26.72 -11.21 16.64
N ALA G 63 -26.21 -10.82 15.49
CA ALA G 63 -24.83 -10.44 15.35
C ALA G 63 -24.55 -9.05 15.85
N GLU G 64 -23.48 -8.88 16.60
CA GLU G 64 -23.16 -7.54 17.11
C GLU G 64 -21.77 -7.12 16.70
N GLU G 65 -21.63 -5.97 16.08
CA GLU G 65 -20.32 -5.60 15.54
C GLU G 65 -19.50 -4.98 16.63
N PHE G 66 -18.27 -5.48 16.75
CA PHE G 66 -17.29 -5.00 17.72
C PHE G 66 -15.97 -4.52 17.09
N VAL G 67 -15.52 -3.36 17.51
CA VAL G 67 -14.35 -2.75 16.91
C VAL G 67 -13.50 -2.40 18.07
N ALA G 68 -12.33 -2.94 18.16
CA ALA G 68 -11.53 -2.56 19.32
C ALA G 68 -12.23 -2.92 20.61
N GLY G 69 -13.15 -3.86 20.52
CA GLY G 69 -13.82 -4.31 21.71
C GLY G 69 -14.97 -3.39 22.13
N VAL G 70 -15.46 -2.61 21.18
CA VAL G 70 -16.52 -1.69 21.41
C VAL G 70 -17.63 -1.97 20.44
N SER G 71 -18.87 -1.92 20.89
CA SER G 71 -19.99 -2.23 19.99
C SER G 71 -20.32 -1.13 19.00
N HIS G 72 -20.29 -1.48 17.70
CA HIS G 72 -20.75 -0.52 16.71
C HIS G 72 -22.14 -0.91 16.19
N GLY G 73 -22.88 -1.57 17.05
CA GLY G 73 -24.22 -1.89 16.67
C GLY G 73 -24.50 -3.36 16.58
N THR G 74 -25.72 -3.57 16.15
CA THR G 74 -26.29 -4.85 15.99
C THR G 74 -26.73 -4.91 14.59
N LEU G 75 -26.34 -5.98 13.98
CA LEU G 75 -26.70 -6.27 12.62
C LEU G 75 -27.63 -7.41 12.85
N GLY G 76 -28.44 -7.75 11.87
CA GLY G 76 -29.36 -8.85 12.06
C GLY G 76 -28.70 -10.20 11.92
N GLU G 77 -29.32 -11.02 11.08
CA GLU G 77 -28.77 -12.30 10.69
C GLU G 77 -27.88 -11.96 9.58
N ILE G 78 -26.60 -12.25 9.74
CA ILE G 78 -25.62 -11.99 8.70
C ILE G 78 -25.06 -13.28 8.24
N PHE G 79 -24.72 -13.34 6.97
CA PHE G 79 -24.05 -14.49 6.41
C PHE G 79 -22.65 -14.03 6.05
N ILE G 80 -21.68 -14.56 6.77
CA ILE G 80 -20.33 -14.10 6.60
C ILE G 80 -19.62 -15.12 5.76
N ARG G 81 -18.79 -14.63 4.85
CA ARG G 81 -18.01 -15.46 3.94
C ARG G 81 -16.71 -15.85 4.53
N SER G 82 -16.24 -17.07 4.26
CA SER G 82 -14.96 -17.58 4.83
C SER G 82 -13.70 -16.71 4.67
N ASN G 83 -13.41 -16.36 3.44
CA ASN G 83 -12.27 -15.54 3.09
C ASN G 83 -11.98 -14.38 3.97
N ASN G 84 -12.97 -13.80 4.59
CA ASN G 84 -12.73 -12.66 5.46
C ASN G 84 -12.46 -13.06 6.89
N VAL G 85 -12.41 -14.35 7.14
CA VAL G 85 -12.27 -14.77 8.50
C VAL G 85 -10.88 -15.18 8.92
N LEU G 86 -10.49 -14.62 10.05
CA LEU G 86 -9.26 -14.97 10.69
C LEU G 86 -9.56 -16.16 11.57
N TYR G 87 -10.46 -16.00 12.50
CA TYR G 87 -10.75 -17.11 13.35
C TYR G 87 -12.02 -16.88 14.13
N ILE G 88 -12.44 -17.96 14.76
CA ILE G 88 -13.66 -18.00 15.46
C ILE G 88 -13.49 -18.47 16.80
N ARG G 89 -14.10 -17.80 17.77
CA ARG G 89 -14.01 -18.29 19.16
C ARG G 89 -15.37 -18.41 19.83
N GLU G 90 -15.40 -19.20 20.92
CA GLU G 90 -16.61 -19.43 21.70
C GLU G 90 -16.63 -18.34 22.74
N LEU G 91 -17.70 -17.58 22.75
CA LEU G 91 -17.80 -16.48 23.72
C LEU G 91 -18.09 -16.96 25.17
N PRO G 92 -17.21 -16.55 26.08
CA PRO G 92 -17.28 -17.01 27.47
C PRO G 92 -18.72 -17.08 27.97
N ASN G 93 -19.20 -18.30 28.02
CA ASN G 93 -20.52 -18.60 28.61
C ASN G 93 -21.07 -17.45 29.43
N LYS H 23 26.40 27.82 -2.69
CA LYS H 23 25.96 28.61 -3.89
C LYS H 23 25.04 27.74 -4.82
N PRO H 24 24.42 28.23 -5.91
CA PRO H 24 23.27 27.47 -6.39
C PRO H 24 23.68 26.07 -6.76
N PHE H 25 23.37 25.12 -5.90
CA PHE H 25 23.70 23.70 -6.13
C PHE H 25 23.29 23.31 -7.52
N LEU H 26 24.04 22.48 -8.21
CA LEU H 26 23.58 22.03 -9.58
C LEU H 26 23.69 22.98 -10.80
N LYS H 27 24.19 24.19 -10.60
CA LYS H 27 24.44 25.19 -11.67
C LYS H 27 25.46 24.72 -12.71
N GLY H 28 26.22 23.72 -12.32
CA GLY H 28 27.22 23.18 -13.19
C GLY H 28 26.63 22.33 -14.28
N LEU H 29 25.31 22.23 -14.31
CA LEU H 29 24.60 21.45 -15.32
C LEU H 29 23.62 22.24 -16.17
N VAL H 30 23.50 23.53 -15.93
CA VAL H 30 22.69 24.36 -16.82
C VAL H 30 23.26 24.24 -18.24
N ASN H 31 22.38 24.33 -19.20
CA ASN H 31 22.76 24.09 -20.58
C ASN H 31 23.42 22.74 -20.87
N HIS H 32 23.14 21.75 -20.06
CA HIS H 32 23.62 20.42 -20.36
C HIS H 32 22.47 19.46 -20.51
N ARG H 33 22.77 18.39 -21.19
CA ARG H 33 21.84 17.30 -21.36
C ARG H 33 21.86 16.48 -20.09
N VAL H 34 20.73 16.43 -19.44
CA VAL H 34 20.65 15.68 -18.20
C VAL H 34 19.53 14.66 -18.22
N GLY H 35 19.58 13.82 -17.22
CA GLY H 35 18.56 12.81 -17.13
C GLY H 35 17.97 12.96 -15.76
N VAL H 36 16.67 13.24 -15.69
CA VAL H 36 15.99 13.38 -14.42
C VAL H 36 15.26 12.13 -14.11
N LYS H 37 15.65 11.49 -13.04
CA LYS H 37 15.05 10.23 -12.64
C LYS H 37 14.03 10.44 -11.50
N LEU H 38 12.79 10.03 -11.65
CA LEU H 38 11.84 10.30 -10.59
C LEU H 38 11.93 9.22 -9.55
N LYS H 39 11.29 9.38 -8.38
CA LYS H 39 11.41 8.36 -7.33
C LYS H 39 10.63 7.12 -7.68
N PHE H 40 9.43 7.30 -8.18
CA PHE H 40 8.55 6.15 -8.36
C PHE H 40 8.58 5.68 -9.78
N ASN H 41 8.48 4.37 -9.91
CA ASN H 41 8.42 3.74 -11.25
C ASN H 41 9.85 3.61 -11.74
N SER H 42 10.07 3.82 -13.02
CA SER H 42 11.41 3.85 -13.59
C SER H 42 11.27 4.76 -14.77
N THR H 43 10.70 5.92 -14.45
CA THR H 43 10.52 6.97 -15.41
C THR H 43 11.71 7.86 -15.22
N GLU H 44 12.23 8.37 -16.33
CA GLU H 44 13.32 9.35 -16.35
C GLU H 44 12.99 10.35 -17.39
N TYR H 45 13.19 11.63 -17.12
CA TYR H 45 12.99 12.64 -18.18
C TYR H 45 14.34 13.03 -18.80
N ARG H 46 14.43 13.19 -20.09
CA ARG H 46 15.68 13.67 -20.60
C ARG H 46 15.45 14.98 -21.38
N GLY H 47 16.45 15.84 -21.36
CA GLY H 47 16.39 17.14 -22.01
C GLY H 47 17.53 18.07 -21.63
N THR H 48 17.45 19.33 -22.01
CA THR H 48 18.53 20.24 -21.70
C THR H 48 18.10 20.98 -20.51
N LEU H 49 18.96 21.05 -19.52
CA LEU H 49 18.57 21.71 -18.29
C LEU H 49 18.75 23.20 -18.53
N VAL H 50 17.66 23.91 -18.54
CA VAL H 50 17.64 25.33 -18.77
C VAL H 50 18.02 26.07 -17.53
N SER H 51 17.22 25.85 -16.53
CA SER H 51 17.39 26.58 -15.32
C SER H 51 17.03 25.72 -14.17
N THR H 52 17.39 26.19 -13.01
CA THR H 52 17.12 25.44 -11.86
C THR H 52 17.04 26.46 -10.85
N ASP H 53 16.76 26.00 -9.68
CA ASP H 53 16.86 26.81 -8.50
C ASP H 53 17.31 25.81 -7.39
N ASN H 54 17.80 26.35 -6.29
CA ASN H 54 18.26 25.57 -5.12
C ASN H 54 17.32 24.48 -4.57
N TYR H 55 16.06 24.60 -4.98
CA TYR H 55 15.02 23.68 -4.56
C TYR H 55 15.05 22.39 -5.31
N PHE H 56 15.98 22.24 -6.25
CA PHE H 56 16.04 21.05 -7.06
C PHE H 56 14.82 21.03 -7.95
N ASN H 57 14.22 22.20 -8.13
CA ASN H 57 13.09 22.41 -9.05
C ASN H 57 13.79 22.75 -10.33
N LEU H 58 13.34 22.32 -11.49
CA LEU H 58 14.11 22.66 -12.66
C LEU H 58 13.34 22.72 -13.95
N GLN H 59 13.83 23.55 -14.87
CA GLN H 59 13.20 23.75 -16.18
C GLN H 59 13.94 22.97 -17.24
N LEU H 60 13.30 21.97 -17.74
CA LEU H 60 13.95 21.14 -18.68
C LEU H 60 13.49 21.51 -20.05
N ASN H 61 14.41 21.48 -20.98
CA ASN H 61 14.06 21.77 -22.35
C ASN H 61 14.28 20.56 -23.25
N GLU H 62 13.40 20.44 -24.25
CA GLU H 62 13.38 19.33 -25.23
C GLU H 62 13.27 17.97 -24.54
N ALA H 63 12.33 17.94 -23.62
CA ALA H 63 12.09 16.79 -22.76
C ALA H 63 11.66 15.56 -23.47
N GLU H 64 12.15 14.42 -23.06
CA GLU H 64 11.72 13.18 -23.69
C GLU H 64 11.48 12.27 -22.55
N GLU H 65 10.34 11.67 -22.50
CA GLU H 65 10.04 10.87 -21.35
C GLU H 65 10.60 9.52 -21.64
N PHE H 66 11.24 8.90 -20.67
CA PHE H 66 11.71 7.53 -20.86
C PHE H 66 11.33 6.56 -19.71
N VAL H 67 10.68 5.46 -20.10
CA VAL H 67 10.21 4.43 -19.20
C VAL H 67 11.01 3.15 -19.33
N ALA H 68 11.73 2.76 -18.29
CA ALA H 68 12.55 1.56 -18.41
C ALA H 68 13.52 1.70 -19.62
N GLY H 69 13.84 2.95 -19.94
CA GLY H 69 14.76 3.24 -21.01
C GLY H 69 14.05 3.23 -22.34
N VAL H 70 12.74 3.45 -22.35
CA VAL H 70 12.04 3.44 -23.64
C VAL H 70 11.35 4.77 -23.85
N SER H 71 11.60 5.43 -24.98
CA SER H 71 11.01 6.73 -25.15
C SER H 71 9.54 6.54 -25.20
N HIS H 72 8.83 7.31 -24.38
CA HIS H 72 7.38 7.32 -24.45
C HIS H 72 6.98 8.65 -24.98
N GLY H 73 7.86 9.23 -25.79
CA GLY H 73 7.56 10.44 -26.52
C GLY H 73 8.25 11.63 -25.96
N THR H 74 7.78 12.79 -26.38
CA THR H 74 8.38 14.06 -26.06
C THR H 74 7.46 15.12 -25.52
N LEU H 75 7.82 15.63 -24.36
CA LEU H 75 7.12 16.75 -23.82
C LEU H 75 8.01 17.92 -24.15
N GLY H 76 7.39 19.06 -24.39
CA GLY H 76 8.15 20.23 -24.84
C GLY H 76 9.03 20.75 -23.74
N GLU H 77 8.63 21.91 -23.25
CA GLU H 77 9.28 22.54 -22.15
C GLU H 77 8.52 22.05 -20.96
N ILE H 78 9.27 21.57 -19.99
CA ILE H 78 8.73 21.13 -18.75
C ILE H 78 9.36 21.82 -17.54
N PHE H 79 8.58 21.89 -16.48
CA PHE H 79 9.04 22.42 -15.22
C PHE H 79 8.71 21.33 -14.26
N ILE H 80 9.74 20.65 -13.79
CA ILE H 80 9.58 19.50 -12.88
C ILE H 80 9.58 19.87 -11.41
N ARG H 81 8.86 19.21 -10.53
CA ARG H 81 8.98 19.69 -9.18
C ARG H 81 9.91 18.85 -8.37
N SER H 82 10.75 19.48 -7.56
CA SER H 82 11.79 18.75 -6.81
C SER H 82 11.33 17.45 -6.22
N ASN H 83 10.45 17.57 -5.27
CA ASN H 83 9.98 16.40 -4.58
C ASN H 83 10.01 15.12 -5.31
N ASN H 84 9.56 15.11 -6.55
CA ASN H 84 9.44 13.83 -7.25
C ASN H 84 10.73 13.21 -7.69
N VAL H 85 11.77 13.97 -7.44
CA VAL H 85 13.04 13.66 -8.02
C VAL H 85 13.92 12.84 -7.17
N LEU H 86 14.46 11.82 -7.82
CA LEU H 86 15.42 10.93 -7.21
C LEU H 86 16.81 11.45 -7.39
N TYR H 87 17.24 11.60 -8.66
CA TYR H 87 18.55 12.19 -8.91
C TYR H 87 18.62 12.76 -10.26
N ILE H 88 19.72 13.47 -10.52
CA ILE H 88 20.02 14.01 -11.84
C ILE H 88 21.44 13.69 -12.29
N ARG H 89 21.54 13.19 -13.50
CA ARG H 89 22.85 12.94 -14.07
C ARG H 89 22.91 13.74 -15.35
N GLU H 90 24.14 13.86 -15.87
CA GLU H 90 24.41 14.55 -17.10
C GLU H 90 24.45 13.39 -18.06
N LEU H 91 23.66 13.43 -19.13
CA LEU H 91 23.71 12.36 -20.13
C LEU H 91 24.93 12.60 -21.01
N PRO H 92 25.56 11.52 -21.42
CA PRO H 92 26.80 11.68 -22.15
C PRO H 92 26.86 12.47 -23.44
N ASN H 93 25.93 13.32 -23.86
CA ASN H 93 26.20 14.11 -25.09
C ASN H 93 25.22 15.28 -25.30
N PRO I 24 28.54 23.15 8.16
CA PRO I 24 27.82 22.23 7.23
C PRO I 24 28.04 20.80 7.72
N PHE I 25 26.95 20.19 8.19
CA PHE I 25 26.91 18.87 8.87
C PHE I 25 27.74 17.63 8.39
N LEU I 26 27.74 17.31 7.10
CA LEU I 26 28.54 16.17 6.62
C LEU I 26 29.85 16.56 5.94
N LYS I 27 30.19 17.82 5.98
CA LYS I 27 31.40 18.29 5.31
C LYS I 27 32.63 17.37 5.54
N GLY I 28 32.61 16.54 6.56
CA GLY I 28 33.76 15.67 6.81
C GLY I 28 33.91 14.54 5.80
N LEU I 29 32.98 14.48 4.83
CA LEU I 29 32.96 13.39 3.83
C LEU I 29 33.27 13.83 2.40
N VAL I 30 33.43 15.11 2.22
CA VAL I 30 33.75 15.53 0.89
C VAL I 30 35.05 14.86 0.43
N ASN I 31 35.15 14.67 -0.86
CA ASN I 31 36.31 14.03 -1.46
C ASN I 31 36.63 12.68 -0.92
N HIS I 32 35.65 12.10 -0.24
CA HIS I 32 35.72 10.72 0.22
C HIS I 32 34.81 9.86 -0.61
N ARG I 33 35.12 8.58 -0.60
CA ARG I 33 34.31 7.59 -1.26
C ARG I 33 33.24 7.28 -0.19
N VAL I 34 31.96 7.44 -0.53
CA VAL I 34 30.88 7.19 0.43
C VAL I 34 29.95 6.19 -0.11
N GLY I 35 28.96 5.87 0.70
CA GLY I 35 27.87 4.98 0.28
C GLY I 35 26.54 5.62 0.58
N VAL I 36 25.74 5.94 -0.44
CA VAL I 36 24.49 6.62 -0.19
C VAL I 36 23.43 5.61 -0.33
N LYS I 37 22.74 5.33 0.77
CA LYS I 37 21.74 4.30 0.79
C LYS I 37 20.35 4.88 0.83
N LEU I 38 19.49 4.53 -0.10
CA LEU I 38 18.15 5.11 -0.16
C LEU I 38 17.18 4.38 0.73
N LYS I 39 16.04 5.04 1.10
CA LYS I 39 14.99 4.47 1.99
C LYS I 39 14.25 3.29 1.37
N PHE I 40 13.84 3.43 0.11
CA PHE I 40 13.05 2.37 -0.56
C PHE I 40 13.96 1.37 -1.25
N ASN I 41 13.50 0.12 -1.33
CA ASN I 41 14.30 -0.93 -2.01
C ASN I 41 15.61 -1.26 -1.26
N SER I 42 16.65 -1.81 -1.94
CA SER I 42 17.92 -1.99 -1.22
C SER I 42 19.04 -1.50 -2.11
N THR I 43 18.92 -0.24 -2.45
CA THR I 43 19.82 0.39 -3.36
C THR I 43 20.76 1.28 -2.70
N GLU I 44 21.92 1.37 -3.24
CA GLU I 44 22.91 2.22 -2.68
C GLU I 44 23.73 2.73 -3.80
N TYR I 45 23.96 4.02 -3.76
CA TYR I 45 24.81 4.65 -4.73
C TYR I 45 26.16 4.78 -4.01
N ARG I 46 27.20 4.40 -4.72
CA ARG I 46 28.53 4.55 -4.21
C ARG I 46 29.28 5.45 -5.15
N GLY I 47 30.03 6.34 -4.55
CA GLY I 47 30.83 7.28 -5.29
C GLY I 47 31.58 8.21 -4.37
N THR I 48 32.25 9.17 -4.96
CA THR I 48 33.00 10.13 -4.21
C THR I 48 32.11 11.31 -3.97
N LEU I 49 32.11 11.83 -2.78
CA LEU I 49 31.14 12.87 -2.45
C LEU I 49 31.72 14.25 -2.72
N VAL I 50 31.49 14.72 -3.93
CA VAL I 50 31.97 16.02 -4.36
C VAL I 50 31.47 17.14 -3.47
N SER I 51 30.16 17.35 -3.41
CA SER I 51 29.66 18.48 -2.62
C SER I 51 28.34 18.19 -1.92
N THR I 52 27.86 19.19 -1.18
CA THR I 52 26.67 19.07 -0.35
C THR I 52 26.23 20.34 0.26
N ASP I 53 24.97 20.41 0.61
CA ASP I 53 24.47 21.54 1.39
C ASP I 53 23.87 20.95 2.66
N ASN I 54 23.37 21.84 3.53
CA ASN I 54 22.79 21.42 4.83
C ASN I 54 21.57 20.52 4.62
N TYR I 55 20.94 20.80 3.48
CA TYR I 55 19.76 20.11 2.99
C TYR I 55 19.99 18.65 2.66
N PHE I 56 21.18 18.12 2.95
CA PHE I 56 21.55 16.71 2.63
C PHE I 56 21.61 16.36 1.14
N ASN I 57 21.47 17.37 0.28
CA ASN I 57 21.57 17.16 -1.15
C ASN I 57 23.01 16.87 -1.43
N LEU I 58 23.31 15.88 -2.22
CA LEU I 58 24.69 15.67 -2.44
C LEU I 58 24.96 15.28 -3.85
N GLN I 59 26.12 15.72 -4.27
CA GLN I 59 26.62 15.51 -5.59
C GLN I 59 27.59 14.39 -5.42
N LEU I 60 27.39 13.35 -6.20
CA LEU I 60 28.16 12.13 -6.10
C LEU I 60 28.87 11.86 -7.39
N ASN I 61 30.12 11.52 -7.29
CA ASN I 61 30.93 11.36 -8.49
C ASN I 61 31.37 9.93 -8.70
N GLU I 62 31.52 9.57 -9.97
CA GLU I 62 31.88 8.21 -10.36
C GLU I 62 30.85 7.26 -9.67
N ALA I 63 29.62 7.71 -9.64
CA ALA I 63 28.54 6.95 -9.03
C ALA I 63 28.44 5.51 -9.46
N GLU I 64 28.18 4.59 -8.54
CA GLU I 64 27.87 3.24 -8.97
C GLU I 64 26.66 2.80 -8.14
N GLU I 65 25.63 2.42 -8.88
CA GLU I 65 24.34 2.04 -8.32
C GLU I 65 24.51 0.61 -7.92
N PHE I 66 24.13 0.28 -6.71
CA PHE I 66 24.24 -1.08 -6.25
C PHE I 66 22.88 -1.50 -5.73
N VAL I 67 22.49 -2.71 -6.05
CA VAL I 67 21.20 -3.20 -5.63
C VAL I 67 21.42 -4.49 -4.88
N ALA I 68 20.99 -4.52 -3.64
CA ALA I 68 21.18 -5.73 -2.85
C ALA I 68 22.63 -6.10 -2.94
N GLY I 69 23.46 -5.08 -2.96
CA GLY I 69 24.90 -5.28 -3.01
C GLY I 69 25.40 -5.81 -4.33
N VAL I 70 24.68 -5.53 -5.41
CA VAL I 70 25.13 -5.91 -6.75
C VAL I 70 25.15 -4.71 -7.66
N SER I 71 26.19 -4.56 -8.44
CA SER I 71 26.25 -3.37 -9.23
C SER I 71 25.42 -3.46 -10.44
N HIS I 72 24.64 -2.40 -10.63
CA HIS I 72 23.77 -2.34 -11.77
C HIS I 72 24.19 -1.26 -12.73
N GLY I 73 25.50 -1.03 -12.80
CA GLY I 73 26.02 -0.04 -13.73
C GLY I 73 26.65 1.21 -13.11
N THR I 74 27.09 2.08 -14.01
CA THR I 74 27.80 3.28 -13.67
C THR I 74 27.08 4.50 -14.17
N LEU I 75 26.73 5.34 -13.23
CA LEU I 75 26.09 6.58 -13.59
C LEU I 75 27.12 7.65 -13.48
N GLY I 76 26.96 8.71 -14.25
CA GLY I 76 27.97 9.77 -14.14
C GLY I 76 28.19 10.38 -12.73
N GLU I 77 28.10 11.69 -12.75
CA GLU I 77 28.10 12.53 -11.58
C GLU I 77 26.64 12.48 -11.38
N ILE I 78 26.16 12.22 -10.19
CA ILE I 78 24.74 12.33 -10.05
C ILE I 78 24.54 13.23 -8.91
N PHE I 79 23.45 13.96 -8.97
CA PHE I 79 23.11 14.87 -7.93
C PHE I 79 21.86 14.31 -7.37
N ILE I 80 21.95 13.86 -6.12
CA ILE I 80 20.88 13.14 -5.42
C ILE I 80 20.13 14.04 -4.53
N ARG I 81 18.89 13.71 -4.26
CA ARG I 81 18.04 14.50 -3.37
C ARG I 81 17.90 13.89 -1.99
N SER I 82 18.20 14.69 -0.97
CA SER I 82 18.10 14.25 0.42
C SER I 82 16.87 13.42 0.66
N ASN I 83 15.71 13.96 0.41
CA ASN I 83 14.50 13.22 0.71
C ASN I 83 14.62 11.73 0.52
N ASN I 84 15.29 11.31 -0.53
CA ASN I 84 15.33 9.89 -0.89
C ASN I 84 16.37 9.05 -0.18
N VAL I 85 17.10 9.73 0.67
CA VAL I 85 18.22 9.19 1.39
C VAL I 85 17.97 8.62 2.77
N LEU I 86 18.38 7.39 2.96
CA LEU I 86 18.34 6.82 4.29
C LEU I 86 19.56 7.20 5.10
N TYR I 87 20.73 7.01 4.49
CA TYR I 87 21.95 7.31 5.19
C TYR I 87 23.13 7.26 4.27
N ILE I 88 24.19 7.89 4.75
CA ILE I 88 25.47 7.96 4.03
C ILE I 88 26.55 7.50 4.95
N ARG I 89 27.40 6.63 4.43
CA ARG I 89 28.49 6.03 5.21
C ARG I 89 29.75 6.13 4.37
N GLU I 90 30.86 6.23 5.10
CA GLU I 90 32.18 6.43 4.54
C GLU I 90 32.76 5.11 4.07
N LEU I 91 32.82 4.93 2.76
CA LEU I 91 33.40 3.73 2.15
C LEU I 91 34.95 3.44 2.35
N PRO I 92 35.26 2.15 2.32
CA PRO I 92 36.18 1.54 3.25
C PRO I 92 37.66 1.54 3.03
N ASN I 93 38.21 2.66 2.62
CA ASN I 93 39.68 2.76 2.71
C ASN I 93 40.06 3.89 3.71
N PRO J 22 17.55 29.00 17.02
CA PRO J 22 17.26 27.74 17.79
C PRO J 22 18.54 26.97 18.12
N LYS J 23 18.60 26.24 19.23
CA LYS J 23 19.78 25.38 19.53
C LYS J 23 19.47 23.85 19.87
N PRO J 24 20.37 22.92 19.43
CA PRO J 24 20.20 21.43 19.38
C PRO J 24 19.75 20.77 20.66
N PHE J 25 18.66 20.04 20.48
CA PHE J 25 17.81 19.45 21.52
C PHE J 25 18.38 18.21 22.18
N LEU J 26 18.98 17.34 21.38
CA LEU J 26 19.66 16.16 21.96
C LEU J 26 21.03 16.42 22.63
N LYS J 27 21.93 17.15 21.96
CA LYS J 27 23.30 17.39 22.43
C LYS J 27 23.62 16.58 23.67
N GLY J 28 22.64 16.40 24.55
CA GLY J 28 22.82 15.60 25.75
C GLY J 28 23.20 14.14 25.48
N LEU J 29 23.16 13.70 24.24
CA LEU J 29 23.50 12.32 23.93
C LEU J 29 24.73 12.23 23.12
N VAL J 30 25.53 13.26 23.13
CA VAL J 30 26.77 13.19 22.36
C VAL J 30 27.81 12.29 23.01
N ASN J 31 28.56 11.57 22.18
CA ASN J 31 29.56 10.67 22.69
C ASN J 31 28.96 9.51 23.50
N HIS J 32 27.65 9.47 23.53
CA HIS J 32 26.96 8.36 24.15
C HIS J 32 26.67 7.25 23.14
N ARG J 33 26.47 6.08 23.66
CA ARG J 33 26.16 4.94 22.86
C ARG J 33 24.66 5.06 22.69
N VAL J 34 24.14 4.95 21.52
CA VAL J 34 22.69 5.04 21.39
C VAL J 34 22.06 4.03 20.44
N GLY J 35 20.73 4.03 20.50
CA GLY J 35 19.88 3.19 19.67
C GLY J 35 19.06 4.16 18.88
N VAL J 36 19.16 4.08 17.56
CA VAL J 36 18.42 4.90 16.64
C VAL J 36 17.53 3.99 15.95
N LYS J 37 16.23 4.14 16.18
CA LYS J 37 15.25 3.23 15.64
C LYS J 37 14.44 3.84 14.50
N LEU J 38 14.32 3.15 13.39
CA LEU J 38 13.62 3.74 12.23
C LEU J 38 12.09 3.53 12.19
N LYS J 39 11.42 4.33 11.36
CA LYS J 39 9.96 4.26 11.33
C LYS J 39 9.59 2.92 10.82
N PHE J 40 10.23 2.57 9.75
CA PHE J 40 9.88 1.36 9.06
C PHE J 40 10.79 0.17 9.46
N ASN J 41 10.20 -1.02 9.37
CA ASN J 41 10.83 -2.32 9.73
C ASN J 41 11.07 -2.38 11.21
N SER J 42 12.02 -3.17 11.63
CA SER J 42 12.25 -3.21 13.05
C SER J 42 13.74 -3.09 13.21
N THR J 43 14.23 -2.11 12.46
CA THR J 43 15.63 -1.83 12.33
C THR J 43 16.07 -0.73 13.28
N GLU J 44 17.22 -0.95 13.87
CA GLU J 44 17.82 -0.06 14.87
C GLU J 44 19.30 0.02 14.57
N TYR J 45 19.84 1.21 14.50
CA TYR J 45 21.27 1.32 14.32
C TYR J 45 21.80 1.62 15.73
N ARG J 46 22.82 0.91 16.17
CA ARG J 46 23.42 1.26 17.45
C ARG J 46 24.81 1.67 17.20
N GLY J 47 25.20 2.72 17.90
CA GLY J 47 26.52 3.24 17.74
C GLY J 47 26.71 4.39 18.70
N THR J 48 27.84 5.06 18.54
CA THR J 48 28.16 6.20 19.35
C THR J 48 27.56 7.36 18.59
N LEU J 49 26.99 8.31 19.30
CA LEU J 49 26.49 9.52 18.67
C LEU J 49 27.59 10.53 18.74
N VAL J 50 28.24 10.67 17.60
CA VAL J 50 29.34 11.61 17.39
C VAL J 50 28.90 13.07 17.29
N SER J 51 27.95 13.33 16.39
CA SER J 51 27.44 14.69 16.31
C SER J 51 26.00 14.69 15.95
N THR J 52 25.39 15.84 16.05
CA THR J 52 24.01 15.93 15.69
C THR J 52 23.80 17.32 15.34
N ASP J 53 22.55 17.71 15.35
CA ASP J 53 22.22 19.05 15.02
C ASP J 53 20.74 19.15 15.16
N ASN J 54 20.23 20.31 14.79
CA ASN J 54 18.85 20.62 15.00
C ASN J 54 17.89 19.82 14.12
N TYR J 55 18.46 19.23 13.07
CA TYR J 55 17.68 18.53 12.09
C TYR J 55 17.48 17.07 12.42
N PHE J 56 17.81 16.64 13.61
CA PHE J 56 17.62 15.23 13.92
C PHE J 56 18.55 14.32 13.19
N ASN J 57 19.62 14.92 12.74
CA ASN J 57 20.48 14.21 11.85
C ASN J 57 21.60 13.74 12.65
N LEU J 58 21.99 12.53 12.53
CA LEU J 58 23.01 12.18 13.43
C LEU J 58 24.07 11.39 12.79
N GLN J 59 25.25 11.66 13.30
CA GLN J 59 26.45 11.00 12.87
C GLN J 59 26.65 9.95 13.93
N LEU J 60 26.85 8.75 13.47
CA LEU J 60 26.99 7.65 14.32
C LEU J 60 28.25 6.99 14.00
N ASN J 61 29.02 6.67 15.03
CA ASN J 61 30.30 5.98 14.88
C ASN J 61 30.10 4.49 15.20
N GLU J 62 30.91 3.63 14.60
CA GLU J 62 30.80 2.19 14.91
C GLU J 62 29.35 1.70 14.95
N ALA J 63 28.65 2.05 13.91
CA ALA J 63 27.24 1.74 13.78
C ALA J 63 27.01 0.28 13.41
N GLU J 64 26.29 -0.44 14.26
CA GLU J 64 25.96 -1.82 14.01
C GLU J 64 24.47 -1.91 13.75
N GLU J 65 24.08 -2.49 12.63
CA GLU J 65 22.69 -2.52 12.22
C GLU J 65 21.98 -3.65 12.93
N PHE J 66 20.81 -3.37 13.47
CA PHE J 66 20.13 -4.42 14.20
C PHE J 66 18.72 -4.68 13.71
N VAL J 67 18.44 -5.92 13.35
CA VAL J 67 17.10 -6.27 12.95
C VAL J 67 16.38 -7.20 13.90
N ALA J 68 15.22 -6.81 14.38
CA ALA J 68 14.52 -7.70 15.27
C ALA J 68 15.50 -8.10 16.36
N GLY J 69 16.30 -7.16 16.80
CA GLY J 69 17.25 -7.40 17.88
C GLY J 69 18.43 -8.29 17.54
N VAL J 70 18.65 -8.50 16.24
CA VAL J 70 19.73 -9.34 15.71
C VAL J 70 20.77 -8.56 14.87
N SER J 71 22.05 -8.75 15.14
CA SER J 71 22.99 -7.97 14.35
C SER J 71 23.07 -8.47 12.95
N HIS J 72 22.95 -7.50 12.05
CA HIS J 72 23.13 -7.76 10.64
C HIS J 72 24.46 -7.21 10.10
N GLY J 73 25.41 -7.01 11.00
CA GLY J 73 26.71 -6.50 10.58
C GLY J 73 26.91 -5.04 10.93
N THR J 74 28.18 -4.64 10.84
CA THR J 74 28.63 -3.32 11.19
C THR J 74 28.57 -2.45 9.99
N LEU J 75 28.20 -1.22 10.22
CA LEU J 75 28.40 -0.23 9.20
C LEU J 75 29.47 0.59 9.81
N GLY J 76 30.14 1.40 9.01
CA GLY J 76 31.19 2.26 9.60
C GLY J 76 30.55 3.48 10.28
N GLU J 77 31.08 4.65 9.99
CA GLU J 77 30.48 5.85 10.50
C GLU J 77 29.28 5.97 9.61
N ILE J 78 28.14 6.35 10.16
CA ILE J 78 27.02 6.59 9.27
C ILE J 78 26.41 7.90 9.55
N PHE J 79 25.81 8.45 8.55
CA PHE J 79 25.22 9.72 8.71
C PHE J 79 23.80 9.42 8.34
N ILE J 80 22.94 9.57 9.33
CA ILE J 80 21.55 9.17 9.29
C ILE J 80 20.65 10.35 9.26
N ARG J 81 19.68 10.33 8.39
CA ARG J 81 18.83 11.48 8.19
C ARG J 81 17.55 11.48 8.93
N SER J 82 17.29 12.59 9.58
CA SER J 82 16.12 12.75 10.43
C SER J 82 14.91 11.96 9.99
N ASN J 83 14.34 12.37 8.88
CA ASN J 83 13.07 11.83 8.47
C ASN J 83 12.96 10.32 8.69
N ASN J 84 14.03 9.55 8.63
CA ASN J 84 13.85 8.11 8.72
C ASN J 84 13.82 7.52 10.15
N VAL J 85 13.92 8.43 11.08
CA VAL J 85 14.10 8.12 12.46
C VAL J 85 12.86 8.22 13.32
N LEU J 86 12.63 7.17 14.09
CA LEU J 86 11.48 7.07 14.96
C LEU J 86 11.77 7.67 16.28
N TYR J 87 12.79 7.14 16.94
CA TYR J 87 13.26 7.73 18.20
C TYR J 87 14.70 7.29 18.49
N ILE J 88 15.39 8.02 19.37
CA ILE J 88 16.76 7.69 19.76
C ILE J 88 16.83 7.37 21.19
N ARG J 89 17.49 6.29 21.52
CA ARG J 89 17.61 5.88 22.92
C ARG J 89 19.04 5.58 23.34
N GLU J 90 19.29 5.75 24.62
CA GLU J 90 20.62 5.67 25.08
C GLU J 90 20.73 4.24 25.47
N LEU J 91 21.77 3.56 25.01
CA LEU J 91 22.06 2.19 25.44
C LEU J 91 22.67 2.13 26.85
N PRO J 92 22.12 1.24 27.68
CA PRO J 92 22.43 1.15 29.11
C PRO J 92 23.80 1.59 29.59
N ASN J 93 24.87 0.88 29.22
CA ASN J 93 26.23 1.06 29.80
C ASN J 93 27.02 -0.28 29.98
N PHE K 25 5.53 25.83 24.13
CA PHE K 25 4.14 25.47 23.69
C PHE K 25 3.59 24.25 24.46
N LEU K 26 4.42 23.24 24.59
CA LEU K 26 4.10 22.03 25.37
C LEU K 26 4.76 21.97 26.74
N LYS K 27 5.14 23.12 27.28
CA LYS K 27 5.93 23.13 28.50
C LYS K 27 5.09 22.74 29.71
N GLY K 28 3.77 22.90 29.59
CA GLY K 28 2.79 22.64 30.65
C GLY K 28 2.57 21.17 31.00
N LEU K 29 3.42 20.31 30.43
CA LEU K 29 3.41 18.87 30.66
C LEU K 29 4.77 18.43 31.17
N VAL K 30 5.79 19.26 31.02
CA VAL K 30 7.08 18.87 31.57
C VAL K 30 6.91 18.27 32.98
N ASN K 31 7.78 17.33 33.29
CA ASN K 31 7.74 16.60 34.54
C ASN K 31 6.40 15.95 34.86
N HIS K 32 5.60 15.75 33.82
CA HIS K 32 4.36 15.05 33.97
C HIS K 32 4.46 13.65 33.39
N ARG K 33 3.46 12.85 33.71
CA ARG K 33 3.35 11.45 33.28
C ARG K 33 2.44 11.38 32.04
N VAL K 34 3.09 11.27 30.89
CA VAL K 34 2.38 11.39 29.63
C VAL K 34 2.41 10.13 28.76
N GLY K 35 1.45 10.13 27.82
CA GLY K 35 1.25 9.01 26.91
C GLY K 35 1.51 9.56 25.53
N VAL K 36 2.57 9.10 24.86
CA VAL K 36 2.89 9.62 23.57
C VAL K 36 2.35 8.58 22.64
N LYS K 37 1.47 8.97 21.75
CA LYS K 37 0.82 8.02 20.85
C LYS K 37 1.35 8.27 19.46
N LEU K 38 1.65 7.20 18.75
CA LEU K 38 2.16 7.31 17.36
C LEU K 38 1.03 7.23 16.34
N LYS K 39 1.31 7.63 15.07
CA LYS K 39 0.31 7.64 13.98
C LYS K 39 -0.09 6.26 13.57
N PHE K 40 0.92 5.49 13.26
CA PHE K 40 0.79 4.14 12.78
C PHE K 40 0.90 3.11 13.90
N ASN K 41 0.15 2.03 13.75
CA ASN K 41 0.05 0.97 14.78
C ASN K 41 -0.84 1.40 15.90
N SER K 42 -0.73 0.75 17.02
CA SER K 42 -1.48 1.23 18.16
C SER K 42 -0.48 1.21 19.31
N THR K 43 0.64 1.90 19.07
CA THR K 43 1.75 1.98 20.00
C THR K 43 1.71 3.22 20.83
N GLU K 44 2.05 3.08 22.09
CA GLU K 44 2.13 4.23 22.99
C GLU K 44 3.36 4.20 23.88
N TYR K 45 4.10 5.30 23.94
CA TYR K 45 5.27 5.32 24.79
C TYR K 45 4.78 6.12 25.91
N ARG K 46 4.83 5.56 27.09
CA ARG K 46 4.45 6.32 28.27
C ARG K 46 5.71 6.64 29.01
N GLY K 47 5.80 7.85 29.48
CA GLY K 47 6.96 8.25 30.25
C GLY K 47 6.80 9.54 31.03
N THR K 48 7.93 10.05 31.51
CA THR K 48 7.98 11.32 32.21
C THR K 48 8.63 12.24 31.21
N LEU K 49 7.90 13.30 30.93
CA LEU K 49 8.26 14.29 29.90
C LEU K 49 9.38 15.20 30.38
N VAL K 50 10.58 14.89 29.94
CA VAL K 50 11.74 15.62 30.38
C VAL K 50 11.94 16.93 29.69
N SER K 51 11.51 17.03 28.46
CA SER K 51 11.71 18.30 27.78
C SER K 51 10.90 18.32 26.48
N THR K 52 11.09 19.35 25.67
CA THR K 52 10.36 19.44 24.42
C THR K 52 10.86 20.57 23.60
N ASP K 53 10.02 20.94 22.67
CA ASP K 53 10.17 22.14 21.88
C ASP K 53 8.99 22.30 20.95
N ASN K 54 8.79 23.53 20.48
CA ASN K 54 7.71 23.90 19.52
C ASN K 54 7.50 22.86 18.44
N TYR K 55 8.64 22.38 17.98
CA TYR K 55 8.74 21.31 16.97
C TYR K 55 8.03 19.96 17.29
N PHE K 56 7.67 19.76 18.54
CA PHE K 56 7.11 18.47 19.02
C PHE K 56 8.12 17.36 19.11
N ASN K 57 9.38 17.68 19.27
CA ASN K 57 10.36 16.65 19.49
C ASN K 57 10.40 16.42 20.98
N LEU K 58 10.43 15.19 21.40
CA LEU K 58 10.39 15.06 22.83
C LEU K 58 11.25 13.99 23.42
N GLN K 59 11.63 14.29 24.65
CA GLN K 59 12.48 13.46 25.48
C GLN K 59 11.65 12.83 26.59
N LEU K 60 11.59 11.52 26.58
CA LEU K 60 10.77 10.88 27.54
C LEU K 60 11.69 10.14 28.43
N ASN K 61 11.38 10.08 29.73
CA ASN K 61 12.21 9.33 30.68
C ASN K 61 11.42 8.18 31.24
N GLU K 62 12.10 7.09 31.57
CA GLU K 62 11.42 5.87 32.13
C GLU K 62 10.25 5.36 31.27
N ALA K 63 10.48 5.42 29.95
CA ALA K 63 9.51 5.15 28.87
C ALA K 63 9.03 3.69 28.73
N GLU K 64 7.73 3.52 28.62
CA GLU K 64 7.18 2.18 28.49
C GLU K 64 6.41 2.18 27.18
N GLU K 65 6.84 1.26 26.33
CA GLU K 65 6.24 1.06 25.04
C GLU K 65 4.99 0.36 25.43
N PHE K 66 3.95 0.51 24.66
CA PHE K 66 2.71 -0.14 24.99
C PHE K 66 2.06 -0.35 23.71
N VAL K 67 1.65 -1.58 23.44
CA VAL K 67 0.96 -1.88 22.20
C VAL K 67 -0.43 -2.27 22.50
N ALA K 68 -1.38 -1.62 21.84
CA ALA K 68 -2.77 -1.94 22.09
C ALA K 68 -2.92 -2.03 23.58
N GLY K 69 -2.20 -1.16 24.29
CA GLY K 69 -2.40 -1.10 25.73
C GLY K 69 -1.80 -2.19 26.59
N VAL K 70 -0.86 -2.90 25.98
CA VAL K 70 -0.11 -3.94 26.66
C VAL K 70 1.35 -3.60 26.69
N SER K 71 2.00 -3.64 27.85
CA SER K 71 3.43 -3.30 27.87
C SER K 71 4.25 -4.31 27.12
N HIS K 72 5.15 -3.72 26.36
CA HIS K 72 6.09 -4.43 25.54
C HIS K 72 7.46 -3.95 25.96
N GLY K 73 7.61 -3.62 27.23
CA GLY K 73 8.92 -3.22 27.68
C GLY K 73 9.25 -1.79 28.02
N THR K 74 10.48 -1.70 28.47
CA THR K 74 11.07 -0.47 28.96
C THR K 74 12.31 -0.03 28.26
N LEU K 75 12.15 1.04 27.55
CA LEU K 75 13.25 1.67 26.92
C LEU K 75 13.68 2.63 27.99
N GLY K 76 14.89 3.08 27.85
CA GLY K 76 15.41 3.99 28.83
C GLY K 76 14.75 5.30 28.62
N GLU K 77 15.63 6.26 28.43
CA GLU K 77 15.28 7.62 28.09
C GLU K 77 15.13 7.52 26.61
N ILE K 78 14.08 8.05 26.06
CA ILE K 78 14.03 8.04 24.64
C ILE K 78 13.74 9.43 24.20
N PHE K 79 14.31 9.78 23.07
CA PHE K 79 14.05 11.04 22.44
C PHE K 79 13.26 10.73 21.17
N ILE K 80 12.01 11.18 21.17
CA ILE K 80 11.07 10.89 20.09
C ILE K 80 11.03 12.00 19.14
N ARG K 81 10.84 11.70 17.87
CA ARG K 81 10.74 12.75 16.89
C ARG K 81 9.33 13.05 16.55
N SER K 82 8.98 14.31 16.62
CA SER K 82 7.64 14.78 16.24
C SER K 82 6.88 14.02 15.14
N ASN K 83 7.41 14.10 13.95
CA ASN K 83 6.77 13.50 12.81
C ASN K 83 5.93 12.25 13.08
N ASN K 84 6.39 11.36 13.93
CA ASN K 84 5.69 10.10 14.22
C ASN K 84 4.62 10.17 15.24
N VAL K 85 4.45 11.35 15.77
CA VAL K 85 3.49 11.58 16.84
C VAL K 85 2.10 12.07 16.51
N LEU K 86 1.11 11.31 16.96
CA LEU K 86 -0.26 11.67 16.77
C LEU K 86 -0.58 12.69 17.79
N TYR K 87 -0.58 12.28 19.04
CA TYR K 87 -0.90 13.21 20.12
C TYR K 87 -0.33 12.77 21.48
N ILE K 88 -0.33 13.74 22.39
CA ILE K 88 0.15 13.55 23.73
C ILE K 88 -0.97 13.76 24.67
N ARG K 89 -0.98 12.91 25.66
CA ARG K 89 -1.97 13.03 26.71
C ARG K 89 -1.27 12.76 28.02
N GLU K 90 -1.78 13.42 29.04
CA GLU K 90 -1.31 13.30 30.38
C GLU K 90 -1.90 11.99 30.85
N LEU K 91 -1.11 11.25 31.63
CA LEU K 91 -1.61 10.05 32.26
C LEU K 91 -2.38 10.44 33.56
N PRO K 92 -3.57 9.85 33.72
CA PRO K 92 -4.56 10.26 34.69
C PRO K 92 -4.13 10.73 36.06
N ASN K 93 -3.84 9.78 36.92
CA ASN K 93 -3.73 10.12 38.32
C ASN K 93 -2.31 9.94 38.86
N VAL L 20 6.86 40.88 18.46
CA VAL L 20 6.05 39.84 19.17
C VAL L 20 5.09 39.13 18.20
N ASN L 21 5.01 39.64 16.97
CA ASN L 21 3.98 39.24 15.99
C ASN L 21 4.05 37.98 15.10
N PRO L 22 2.97 37.18 15.15
CA PRO L 22 2.55 36.18 14.17
C PRO L 22 1.03 36.42 13.94
N LYS L 23 0.35 35.46 13.35
CA LYS L 23 -1.10 35.59 13.13
C LYS L 23 -1.58 34.16 13.18
N PRO L 24 -2.49 33.85 14.10
CA PRO L 24 -3.00 32.48 14.32
C PRO L 24 -4.36 32.28 13.72
N PHE L 25 -4.36 31.38 12.77
CA PHE L 25 -5.48 31.10 11.91
C PHE L 25 -6.70 30.49 12.55
N LEU L 26 -6.48 29.56 13.45
CA LEU L 26 -7.62 28.98 14.16
C LEU L 26 -8.15 29.75 15.38
N LYS L 27 -7.32 30.39 16.18
CA LYS L 27 -7.84 31.10 17.35
C LYS L 27 -9.40 31.34 17.46
N GLY L 28 -10.10 31.32 16.33
CA GLY L 28 -11.53 31.51 16.34
C GLY L 28 -12.34 30.40 16.97
N LEU L 29 -11.71 29.34 17.38
CA LEU L 29 -12.45 28.22 18.00
C LEU L 29 -11.99 27.92 19.36
N VAL L 30 -11.15 28.76 19.91
CA VAL L 30 -10.72 28.57 21.28
C VAL L 30 -11.99 28.55 22.18
N ASN L 31 -11.90 27.78 23.24
CA ASN L 31 -13.00 27.57 24.17
C ASN L 31 -14.35 27.23 23.51
N HIS L 32 -14.28 26.64 22.34
CA HIS L 32 -15.43 26.00 21.71
C HIS L 32 -15.26 24.48 21.69
N ARG L 33 -16.39 23.82 21.69
CA ARG L 33 -16.37 22.41 21.58
C ARG L 33 -16.20 22.17 20.07
N VAL L 34 -15.11 21.50 19.73
CA VAL L 34 -14.81 21.20 18.35
C VAL L 34 -14.64 19.70 18.08
N GLY L 35 -14.60 19.36 16.79
CA GLY L 35 -14.26 18.01 16.31
C GLY L 35 -12.99 18.02 15.44
N VAL L 36 -11.99 17.23 15.85
CA VAL L 36 -10.74 17.16 15.13
C VAL L 36 -10.70 15.85 14.40
N LYS L 37 -10.73 15.93 13.09
CA LYS L 37 -10.85 14.77 12.26
C LYS L 37 -9.51 14.38 11.67
N LEU L 38 -9.12 13.12 11.81
CA LEU L 38 -7.83 12.76 11.27
C LEU L 38 -7.89 12.37 9.78
N LYS L 39 -6.71 12.41 9.15
CA LYS L 39 -6.56 11.98 7.77
C LYS L 39 -6.97 10.55 7.65
N PHE L 40 -6.58 9.72 8.62
CA PHE L 40 -6.71 8.27 8.40
C PHE L 40 -7.74 7.57 9.25
N ASN L 41 -8.48 6.77 8.51
CA ASN L 41 -9.57 5.97 9.06
C ASN L 41 -10.76 6.85 9.42
N SER L 42 -11.64 6.29 10.22
CA SER L 42 -12.83 7.00 10.49
C SER L 42 -12.77 7.57 11.92
N THR L 43 -11.62 8.11 12.29
CA THR L 43 -11.49 8.72 13.64
C THR L 43 -11.75 10.20 13.69
N GLU L 44 -12.25 10.62 14.85
CA GLU L 44 -12.54 12.06 15.26
C GLU L 44 -12.26 12.31 16.80
N TYR L 45 -11.62 13.45 17.11
CA TYR L 45 -11.41 13.90 18.48
C TYR L 45 -12.26 15.15 18.88
N ARG L 46 -13.21 14.92 19.76
CA ARG L 46 -14.06 16.00 20.12
C ARG L 46 -13.65 16.42 21.45
N GLY L 47 -13.93 17.66 21.75
CA GLY L 47 -13.58 18.25 23.02
C GLY L 47 -13.54 19.76 22.94
N THR L 48 -12.89 20.35 23.93
CA THR L 48 -12.80 21.80 23.99
C THR L 48 -11.45 22.22 23.51
N LEU L 49 -11.44 23.16 22.61
CA LEU L 49 -10.18 23.63 22.12
C LEU L 49 -9.56 24.65 23.08
N VAL L 50 -8.80 24.17 24.02
CA VAL L 50 -8.18 25.10 24.91
C VAL L 50 -7.25 26.08 24.20
N SER L 51 -6.28 25.60 23.44
CA SER L 51 -5.36 26.54 22.84
C SER L 51 -4.91 26.00 21.55
N THR L 52 -3.99 26.70 20.91
CA THR L 52 -3.56 26.34 19.55
C THR L 52 -2.62 27.32 19.00
N ASP L 53 -1.69 26.87 18.22
CA ASP L 53 -0.71 27.81 17.75
C ASP L 53 -0.71 27.91 16.25
N ASN L 54 0.46 28.34 15.77
CA ASN L 54 0.71 28.57 14.35
C ASN L 54 1.31 27.38 13.67
N TYR L 55 1.42 26.30 14.41
CA TYR L 55 1.81 25.04 13.85
C TYR L 55 0.60 24.16 13.67
N PHE L 56 -0.56 24.74 13.90
CA PHE L 56 -1.85 24.06 13.71
C PHE L 56 -1.94 22.88 14.63
N ASN L 57 -1.39 23.12 15.79
CA ASN L 57 -1.25 22.13 16.84
C ASN L 57 -2.31 22.40 17.84
N LEU L 58 -2.88 21.41 18.44
CA LEU L 58 -3.97 21.82 19.27
C LEU L 58 -4.14 21.01 20.53
N GLN L 59 -4.35 21.76 21.59
CA GLN L 59 -4.53 21.31 22.94
C GLN L 59 -5.99 21.13 23.17
N LEU L 60 -6.48 19.91 23.27
CA LEU L 60 -7.91 19.78 23.38
C LEU L 60 -8.21 19.38 24.75
N ASN L 61 -9.35 19.85 25.26
CA ASN L 61 -9.75 19.48 26.63
C ASN L 61 -10.94 18.58 26.61
N GLU L 62 -10.91 17.63 27.51
CA GLU L 62 -11.97 16.65 27.64
C GLU L 62 -12.18 16.00 26.32
N ALA L 63 -11.09 15.42 25.86
CA ALA L 63 -11.11 14.82 24.55
C ALA L 63 -11.85 13.48 24.61
N GLU L 64 -12.63 13.19 23.57
CA GLU L 64 -13.33 11.92 23.52
C GLU L 64 -13.12 11.41 22.17
N GLU L 65 -12.67 10.18 22.04
CA GLU L 65 -12.34 9.58 20.72
C GLU L 65 -13.59 9.08 20.03
N PHE L 66 -13.69 9.28 18.73
CA PHE L 66 -14.88 8.87 18.00
C PHE L 66 -14.55 8.16 16.71
N VAL L 67 -15.15 7.00 16.54
CA VAL L 67 -14.86 6.15 15.39
C VAL L 67 -16.09 5.84 14.60
N ALA L 68 -16.16 6.27 13.36
CA ALA L 68 -17.37 6.05 12.59
C ALA L 68 -18.49 6.64 13.42
N GLY L 69 -18.06 7.42 14.36
CA GLY L 69 -19.02 8.08 15.20
C GLY L 69 -19.50 7.29 16.40
N VAL L 70 -18.66 6.41 16.90
CA VAL L 70 -19.04 5.70 18.09
C VAL L 70 -18.04 6.03 19.16
N SER L 71 -18.45 6.42 20.36
CA SER L 71 -17.42 6.73 21.31
C SER L 71 -16.64 5.52 21.70
N HIS L 72 -15.33 5.71 21.63
CA HIS L 72 -14.33 4.72 22.05
C HIS L 72 -13.56 5.33 23.23
N GLY L 73 -14.27 6.07 24.08
CA GLY L 73 -13.72 6.56 25.33
C GLY L 73 -13.28 7.98 25.43
N THR L 74 -12.74 8.28 26.59
CA THR L 74 -12.28 9.60 26.91
C THR L 74 -10.85 9.55 27.20
N LEU L 75 -10.13 10.39 26.53
CA LEU L 75 -8.76 10.56 26.85
C LEU L 75 -8.86 11.85 27.60
N GLY L 76 -7.78 12.32 28.19
CA GLY L 76 -7.87 13.57 28.94
C GLY L 76 -7.71 14.83 28.09
N GLU L 77 -6.66 15.54 28.45
CA GLU L 77 -6.23 16.67 27.69
C GLU L 77 -5.31 15.98 26.72
N ILE L 78 -5.36 16.38 25.48
CA ILE L 78 -4.46 15.79 24.54
C ILE L 78 -3.86 16.90 23.76
N PHE L 79 -2.68 16.70 23.24
CA PHE L 79 -2.04 17.72 22.46
C PHE L 79 -1.80 17.08 21.16
N ILE L 80 -2.58 17.48 20.18
CA ILE L 80 -2.61 16.83 18.88
C ILE L 80 -1.65 17.46 17.94
N ARG L 81 -1.10 16.69 17.01
CA ARG L 81 -0.27 17.29 16.03
C ARG L 81 -0.97 17.48 14.73
N SER L 82 -0.89 18.71 14.24
CA SER L 82 -1.42 19.15 12.97
C SER L 82 -1.42 18.11 11.89
N ASN L 83 -0.26 17.63 11.54
CA ASN L 83 -0.18 16.79 10.38
C ASN L 83 -1.33 15.82 10.28
N ASN L 84 -1.50 15.03 11.33
CA ASN L 84 -2.53 13.97 11.32
C ASN L 84 -3.95 14.46 11.15
N VAL L 85 -4.13 15.75 10.95
CA VAL L 85 -5.46 16.30 10.94
C VAL L 85 -5.92 16.59 9.55
N LEU L 86 -7.17 16.24 9.31
CA LEU L 86 -7.85 16.54 8.07
C LEU L 86 -8.52 17.87 8.15
N TYR L 87 -9.35 18.05 9.15
CA TYR L 87 -9.97 19.33 9.36
C TYR L 87 -10.52 19.42 10.75
N ILE L 88 -10.90 20.62 11.14
CA ILE L 88 -11.50 20.90 12.40
C ILE L 88 -12.76 21.55 12.18
N ARG L 89 -13.78 21.19 12.93
CA ARG L 89 -15.09 21.84 12.78
C ARG L 89 -15.75 22.12 14.10
N GLU L 90 -16.66 23.08 14.10
CA GLU L 90 -17.38 23.40 15.31
C GLU L 90 -18.62 22.53 15.59
N LEU L 91 -18.61 21.94 16.79
CA LEU L 91 -19.65 21.01 17.23
C LEU L 91 -21.01 21.59 17.64
N PRO L 92 -22.00 21.10 16.89
CA PRO L 92 -23.33 21.69 16.82
C PRO L 92 -23.83 22.18 18.11
N ASN L 93 -24.41 23.34 18.03
CA ASN L 93 -24.98 23.98 19.19
C ASN L 93 -26.13 23.10 19.67
N PRO M 24 -1.60 37.95 -1.64
CA PRO M 24 -1.70 36.47 -1.74
C PRO M 24 -2.19 35.90 -3.11
N PHE M 25 -2.72 34.67 -3.01
CA PHE M 25 -3.35 33.91 -4.11
C PHE M 25 -4.84 33.88 -4.12
N LEU M 26 -5.36 33.09 -3.19
CA LEU M 26 -6.77 32.73 -3.06
C LEU M 26 -7.58 33.85 -2.47
N LYS M 27 -6.88 34.78 -1.84
CA LYS M 27 -7.57 35.94 -1.28
C LYS M 27 -8.59 36.32 -2.34
N GLY M 28 -8.18 36.17 -3.59
CA GLY M 28 -9.09 36.42 -4.69
C GLY M 28 -10.44 35.77 -4.50
N LEU M 29 -10.46 34.56 -3.99
CA LEU M 29 -11.73 33.83 -3.90
C LEU M 29 -12.42 34.02 -2.58
N VAL M 30 -11.84 34.78 -1.68
CA VAL M 30 -12.49 34.92 -0.40
C VAL M 30 -13.86 35.44 -0.58
N ASN M 31 -14.80 34.92 0.22
CA ASN M 31 -16.21 35.27 0.09
C ASN M 31 -16.94 34.70 -1.14
N HIS M 32 -16.34 33.73 -1.79
CA HIS M 32 -16.97 33.13 -2.94
C HIS M 32 -17.38 31.74 -2.57
N ARG M 33 -18.37 31.21 -3.27
CA ARG M 33 -18.72 29.81 -3.10
C ARG M 33 -17.54 29.04 -3.76
N VAL M 34 -16.92 28.11 -3.06
CA VAL M 34 -15.80 27.36 -3.63
C VAL M 34 -15.92 25.89 -3.37
N GLY M 35 -15.13 25.11 -4.13
CA GLY M 35 -15.08 23.66 -4.00
C GLY M 35 -13.66 23.27 -3.68
N VAL M 36 -13.51 22.47 -2.64
CA VAL M 36 -12.22 22.06 -2.19
C VAL M 36 -12.09 20.61 -2.36
N LYS M 37 -11.19 20.21 -3.24
CA LYS M 37 -11.03 18.82 -3.61
C LYS M 37 -9.82 18.19 -2.93
N LEU M 38 -10.01 17.03 -2.35
CA LEU M 38 -8.94 16.46 -1.60
C LEU M 38 -8.15 15.54 -2.46
N LYS M 39 -6.89 15.35 -2.09
CA LYS M 39 -5.98 14.46 -2.81
C LYS M 39 -6.54 13.06 -2.92
N PHE M 40 -6.90 12.47 -1.79
CA PHE M 40 -7.31 11.07 -1.78
C PHE M 40 -8.80 10.96 -1.85
N ASN M 41 -9.24 9.78 -2.26
CA ASN M 41 -10.68 9.52 -2.43
C ASN M 41 -11.22 10.47 -3.47
N SER M 42 -12.48 10.87 -3.29
CA SER M 42 -13.09 11.76 -4.25
C SER M 42 -14.07 12.64 -3.53
N THR M 43 -13.54 13.18 -2.46
CA THR M 43 -14.31 13.97 -1.58
C THR M 43 -14.04 15.38 -1.92
N GLU M 44 -15.03 16.20 -1.93
CA GLU M 44 -14.81 17.62 -2.17
C GLU M 44 -15.72 18.34 -1.19
N TYR M 45 -15.16 19.34 -0.53
CA TYR M 45 -15.91 20.13 0.43
C TYR M 45 -16.25 21.43 -0.25
N ARG M 46 -17.54 21.71 -0.31
CA ARG M 46 -18.06 22.93 -0.91
C ARG M 46 -18.72 23.88 0.12
N GLY M 47 -18.53 25.18 -0.13
CA GLY M 47 -19.07 26.23 0.71
C GLY M 47 -18.38 27.53 0.46
N THR M 48 -18.60 28.44 1.39
CA THR M 48 -18.07 29.77 1.26
C THR M 48 -16.69 29.86 1.80
N LEU M 49 -15.80 30.44 1.03
CA LEU M 49 -14.45 30.54 1.46
C LEU M 49 -14.35 31.76 2.26
N VAL M 50 -14.24 31.53 3.55
CA VAL M 50 -14.10 32.58 4.56
C VAL M 50 -12.72 33.15 4.74
N SER M 51 -11.74 32.28 4.89
CA SER M 51 -10.39 32.79 5.07
C SER M 51 -9.29 31.87 4.62
N THR M 52 -8.09 32.38 4.48
CA THR M 52 -7.05 31.57 3.94
C THR M 52 -5.76 32.11 4.20
N ASP M 53 -4.72 31.51 3.66
CA ASP M 53 -3.39 32.04 3.87
C ASP M 53 -2.41 31.26 3.05
N ASN M 54 -1.38 31.99 2.59
CA ASN M 54 -0.32 31.49 1.74
C ASN M 54 -0.21 30.00 1.80
N TYR M 55 -0.18 29.49 3.04
CA TYR M 55 -0.08 28.04 3.37
C TYR M 55 -1.18 27.12 2.76
N PHE M 56 -2.25 27.72 2.26
CA PHE M 56 -3.38 26.98 1.68
C PHE M 56 -4.35 26.42 2.67
N ASN M 57 -4.15 26.79 3.92
CA ASN M 57 -4.99 26.29 4.98
C ASN M 57 -6.18 27.17 4.77
N LEU M 58 -7.38 26.64 4.80
CA LEU M 58 -8.49 27.53 4.54
C LEU M 58 -9.68 27.26 5.42
N GLN M 59 -10.44 28.33 5.64
CA GLN M 59 -11.65 28.28 6.44
C GLN M 59 -12.85 28.30 5.48
N LEU M 60 -13.75 27.38 5.74
CA LEU M 60 -14.90 27.21 4.91
C LEU M 60 -16.18 27.34 5.71
N ASN M 61 -17.12 28.08 5.13
CA ASN M 61 -18.40 28.28 5.78
C ASN M 61 -19.49 27.62 5.03
N GLU M 62 -20.39 26.96 5.75
CA GLU M 62 -21.57 26.31 5.16
C GLU M 62 -21.17 25.10 4.28
N ALA M 63 -20.16 24.40 4.81
CA ALA M 63 -19.54 23.29 4.09
C ALA M 63 -20.49 22.15 3.96
N GLU M 64 -20.53 21.65 2.76
CA GLU M 64 -21.27 20.46 2.51
C GLU M 64 -20.27 19.39 2.02
N GLU M 65 -20.30 18.20 2.58
CA GLU M 65 -19.39 17.15 2.13
C GLU M 65 -19.92 16.38 0.93
N PHE M 66 -19.10 16.34 -0.12
CA PHE M 66 -19.51 15.71 -1.36
C PHE M 66 -18.60 14.51 -1.74
N VAL M 67 -19.18 13.37 -2.12
CA VAL M 67 -18.39 12.18 -2.43
C VAL M 67 -18.84 11.64 -3.71
N ALA M 68 -17.97 11.67 -4.70
CA ALA M 68 -18.35 11.18 -6.02
C ALA M 68 -19.47 12.08 -6.55
N GLY M 69 -19.49 13.30 -6.06
CA GLY M 69 -20.54 14.22 -6.44
C GLY M 69 -21.80 14.09 -5.57
N VAL M 70 -21.83 13.15 -4.63
CA VAL M 70 -23.05 12.96 -3.88
C VAL M 70 -22.93 13.55 -2.53
N SER M 71 -23.92 14.33 -2.12
CA SER M 71 -23.84 15.02 -0.83
C SER M 71 -23.82 13.95 0.19
N HIS M 72 -22.97 14.15 1.18
CA HIS M 72 -22.91 13.29 2.33
C HIS M 72 -23.18 14.14 3.57
N GLY M 73 -24.01 15.17 3.39
CA GLY M 73 -24.34 16.04 4.51
C GLY M 73 -23.64 17.37 4.68
N THR M 74 -24.01 18.02 5.77
CA THR M 74 -23.53 19.33 6.04
C THR M 74 -22.74 19.32 7.28
N LEU M 75 -21.56 19.88 7.11
CA LEU M 75 -20.63 20.11 8.20
C LEU M 75 -20.68 21.62 8.52
N GLY M 76 -20.49 21.99 9.77
CA GLY M 76 -20.50 23.42 10.04
C GLY M 76 -19.46 24.23 9.25
N GLU M 77 -18.74 25.03 10.03
CA GLU M 77 -17.65 25.85 9.58
C GLU M 77 -16.55 24.82 9.66
N ILE M 78 -15.72 24.70 8.65
CA ILE M 78 -14.56 23.82 8.83
C ILE M 78 -13.20 24.50 8.62
N PHE M 79 -12.16 23.98 9.18
CA PHE M 79 -10.87 24.56 8.87
C PHE M 79 -10.08 23.42 8.20
N ILE M 80 -9.63 23.62 7.00
CA ILE M 80 -8.95 22.53 6.33
C ILE M 80 -7.50 22.74 6.25
N ARG M 81 -6.77 21.68 6.33
CA ARG M 81 -5.34 21.81 6.24
C ARG M 81 -4.91 21.60 4.84
N SER M 82 -4.06 22.49 4.38
CA SER M 82 -3.57 22.49 3.00
C SER M 82 -3.17 21.11 2.59
N ASN M 83 -2.21 20.52 3.30
CA ASN M 83 -1.70 19.23 2.90
C ASN M 83 -2.66 18.32 2.14
N ASN M 84 -3.86 18.16 2.68
CA ASN M 84 -4.87 17.27 2.06
C ASN M 84 -5.62 17.86 0.89
N VAL M 85 -5.26 19.06 0.51
CA VAL M 85 -5.96 19.72 -0.56
C VAL M 85 -5.30 19.56 -1.90
N LEU M 86 -6.13 19.09 -2.86
CA LEU M 86 -5.69 18.89 -4.23
C LEU M 86 -5.77 20.24 -4.86
N TYR M 87 -6.98 20.75 -5.00
CA TYR M 87 -7.12 22.06 -5.62
C TYR M 87 -8.35 22.72 -5.14
N ILE M 88 -8.58 23.93 -5.59
CA ILE M 88 -9.76 24.64 -5.19
C ILE M 88 -10.33 25.39 -6.34
N ARG M 89 -11.63 25.22 -6.57
CA ARG M 89 -12.25 25.86 -7.70
C ARG M 89 -13.43 26.62 -7.25
N GLU M 90 -13.84 27.56 -8.09
CA GLU M 90 -14.97 28.45 -7.83
C GLU M 90 -16.26 27.85 -8.37
N LEU M 91 -17.19 27.57 -7.47
CA LEU M 91 -18.44 26.93 -7.84
C LEU M 91 -19.24 27.85 -8.67
N PRO M 92 -19.70 27.30 -9.81
CA PRO M 92 -20.45 28.06 -10.79
C PRO M 92 -21.68 28.73 -10.20
N ASN M 93 -21.60 30.04 -10.32
CA ASN M 93 -22.66 31.04 -10.07
C ASN M 93 -24.15 30.61 -9.96
N PHE N 25 9.45 32.01 -9.91
CA PHE N 25 9.75 31.03 -11.01
C PHE N 25 8.55 30.90 -11.96
N LEU N 26 8.77 30.33 -13.15
CA LEU N 26 7.64 29.99 -14.07
C LEU N 26 6.77 31.19 -14.51
N LYS N 27 7.14 32.40 -14.11
CA LYS N 27 6.40 33.59 -14.52
C LYS N 27 6.38 33.65 -16.04
N GLY N 28 7.32 32.97 -16.68
CA GLY N 28 7.40 32.92 -18.12
C GLY N 28 6.30 32.15 -18.82
N LEU N 29 5.58 31.35 -18.06
CA LEU N 29 4.48 30.57 -18.63
C LEU N 29 3.20 31.35 -18.50
N VAL N 30 3.20 32.28 -17.58
CA VAL N 30 2.02 33.06 -17.38
C VAL N 30 1.48 33.31 -18.73
N ASN N 31 0.17 33.35 -18.80
CA ASN N 31 -0.56 33.53 -20.02
C ASN N 31 -0.26 32.56 -21.15
N HIS N 32 0.27 31.41 -20.79
CA HIS N 32 0.39 30.35 -21.77
C HIS N 32 -0.52 29.21 -21.38
N ARG N 33 -0.66 28.32 -22.34
CA ARG N 33 -1.52 27.16 -22.24
C ARG N 33 -0.55 26.09 -21.81
N VAL N 34 -0.86 25.55 -20.65
CA VAL N 34 0.01 24.62 -19.99
C VAL N 34 -0.71 23.34 -19.54
N GLY N 35 0.07 22.33 -19.23
CA GLY N 35 -0.50 21.10 -18.73
C GLY N 35 0.10 20.79 -17.37
N VAL N 36 -0.72 20.72 -16.33
CA VAL N 36 -0.25 20.46 -14.98
C VAL N 36 -0.50 19.02 -14.71
N LYS N 37 0.54 18.24 -14.54
CA LYS N 37 0.38 16.82 -14.38
C LYS N 37 0.62 16.39 -12.92
N LEU N 38 -0.27 15.60 -12.39
CA LEU N 38 -0.15 15.26 -10.98
C LEU N 38 0.65 13.99 -10.74
N LYS N 39 1.03 13.77 -9.46
CA LYS N 39 1.95 12.69 -9.14
C LYS N 39 1.31 11.35 -9.22
N PHE N 40 0.02 11.31 -8.86
CA PHE N 40 -0.72 10.05 -8.73
C PHE N 40 -1.80 9.99 -9.80
N ASN N 41 -2.11 8.79 -10.29
CA ASN N 41 -3.06 8.60 -11.42
C ASN N 41 -2.34 8.93 -12.71
N SER N 42 -3.13 9.41 -13.67
CA SER N 42 -2.57 9.92 -14.93
C SER N 42 -3.55 10.98 -15.32
N THR N 43 -3.50 12.00 -14.51
CA THR N 43 -4.42 13.09 -14.64
C THR N 43 -3.64 14.29 -14.93
N GLU N 44 -4.15 15.08 -15.83
CA GLU N 44 -3.46 16.28 -16.19
C GLU N 44 -4.52 17.32 -16.38
N TYR N 45 -4.29 18.50 -15.81
CA TYR N 45 -5.17 19.66 -15.95
C TYR N 45 -4.62 20.65 -17.00
N ARG N 46 -5.39 20.92 -18.03
CA ARG N 46 -4.97 21.82 -19.05
C ARG N 46 -5.75 23.09 -19.04
N GLY N 47 -5.02 24.18 -19.11
CA GLY N 47 -5.60 25.51 -19.11
C GLY N 47 -4.58 26.64 -19.31
N THR N 48 -5.03 27.85 -19.04
CA THR N 48 -4.16 28.98 -19.16
C THR N 48 -3.70 29.29 -17.77
N LEU N 49 -2.40 29.48 -17.67
CA LEU N 49 -1.80 29.70 -16.37
C LEU N 49 -1.95 31.16 -16.04
N VAL N 50 -2.93 31.47 -15.25
CA VAL N 50 -3.15 32.84 -14.84
C VAL N 50 -2.02 33.40 -14.03
N SER N 51 -1.67 32.73 -12.93
CA SER N 51 -0.67 33.27 -12.03
C SER N 51 0.01 32.20 -11.25
N THR N 52 1.14 32.54 -10.65
CA THR N 52 1.92 31.61 -9.81
C THR N 52 2.60 32.32 -8.70
N ASP N 53 3.11 31.53 -7.78
CA ASP N 53 3.88 32.08 -6.69
C ASP N 53 5.10 31.21 -6.48
N ASN N 54 5.93 31.73 -5.58
CA ASN N 54 7.23 31.18 -5.27
C ASN N 54 7.28 29.69 -4.93
N TYR N 55 6.16 29.17 -4.46
CA TYR N 55 5.98 27.78 -4.10
C TYR N 55 5.38 26.88 -5.16
N PHE N 56 5.09 27.40 -6.34
CA PHE N 56 4.50 26.57 -7.40
C PHE N 56 2.98 26.43 -7.33
N ASN N 57 2.32 27.06 -6.37
CA ASN N 57 0.88 26.79 -6.28
C ASN N 57 0.15 27.68 -7.22
N LEU N 58 -0.43 27.10 -8.26
CA LEU N 58 -0.89 27.87 -9.41
C LEU N 58 -2.34 27.94 -9.68
N GLN N 59 -2.65 29.00 -10.42
CA GLN N 59 -3.99 29.42 -10.81
C GLN N 59 -4.24 29.03 -12.25
N LEU N 60 -5.21 28.19 -12.45
CA LEU N 60 -5.41 27.73 -13.76
C LEU N 60 -6.78 28.12 -14.21
N ASN N 61 -6.79 28.88 -15.29
CA ASN N 61 -8.03 29.30 -15.89
C ASN N 61 -8.46 28.32 -16.98
N GLU N 62 -9.76 28.22 -17.18
CA GLU N 62 -10.37 27.43 -18.26
C GLU N 62 -9.75 26.06 -18.30
N ALA N 63 -9.73 25.44 -17.13
CA ALA N 63 -9.12 24.13 -16.89
C ALA N 63 -9.93 22.99 -17.36
N GLU N 64 -9.26 21.97 -17.80
CA GLU N 64 -9.98 20.80 -18.31
C GLU N 64 -9.25 19.54 -17.87
N GLU N 65 -9.93 18.71 -17.12
CA GLU N 65 -9.28 17.59 -16.53
C GLU N 65 -9.15 16.51 -17.53
N PHE N 66 -7.92 16.04 -17.72
CA PHE N 66 -7.66 14.96 -18.64
C PHE N 66 -7.23 13.73 -17.92
N VAL N 67 -7.75 12.59 -18.32
CA VAL N 67 -7.44 11.34 -17.67
C VAL N 67 -6.91 10.39 -18.74
N ALA N 68 -5.68 9.91 -18.59
CA ALA N 68 -5.18 9.03 -19.62
C ALA N 68 -5.42 9.73 -20.95
N GLY N 69 -5.20 11.02 -20.94
CA GLY N 69 -5.35 11.81 -22.13
C GLY N 69 -6.77 12.01 -22.65
N VAL N 70 -7.77 11.80 -21.81
CA VAL N 70 -9.14 11.85 -22.23
C VAL N 70 -9.92 12.83 -21.44
N SER N 71 -10.67 13.73 -22.04
CA SER N 71 -11.29 14.77 -21.19
C SER N 71 -12.34 14.22 -20.29
N HIS N 72 -12.29 14.73 -19.08
CA HIS N 72 -13.29 14.41 -18.07
C HIS N 72 -14.02 15.66 -17.60
N GLY N 73 -13.98 16.66 -18.48
CA GLY N 73 -14.71 17.87 -18.20
C GLY N 73 -13.91 19.05 -17.82
N THR N 74 -14.65 20.11 -17.64
CA THR N 74 -14.11 21.38 -17.31
C THR N 74 -14.40 21.80 -15.92
N LEU N 75 -13.34 22.29 -15.31
CA LEU N 75 -13.44 22.99 -14.06
C LEU N 75 -13.15 24.43 -14.39
N GLY N 76 -13.68 25.36 -13.60
CA GLY N 76 -13.53 26.73 -14.00
C GLY N 76 -12.10 27.10 -13.74
N GLU N 77 -11.97 28.05 -12.86
CA GLU N 77 -10.69 28.48 -12.37
C GLU N 77 -10.38 27.47 -11.31
N ILE N 78 -9.17 27.01 -11.24
CA ILE N 78 -8.80 26.21 -10.11
C ILE N 78 -7.57 26.74 -9.54
N PHE N 79 -7.38 26.49 -8.26
CA PHE N 79 -6.13 26.83 -7.60
C PHE N 79 -5.55 25.51 -7.07
N ILE N 80 -4.40 25.16 -7.62
CA ILE N 80 -3.81 23.84 -7.40
C ILE N 80 -2.70 23.88 -6.43
N ARG N 81 -2.63 22.92 -5.57
CA ARG N 81 -1.52 22.89 -4.64
C ARG N 81 -0.28 22.21 -5.18
N SER N 82 0.85 22.86 -5.00
CA SER N 82 2.11 22.40 -5.55
C SER N 82 2.35 20.94 -5.28
N ASN N 83 2.48 20.60 -4.02
CA ASN N 83 2.73 19.23 -3.61
C ASN N 83 2.15 18.16 -4.51
N ASN N 84 1.01 18.42 -5.14
CA ASN N 84 0.35 17.42 -5.97
C ASN N 84 0.87 17.31 -7.41
N VAL N 85 1.66 18.28 -7.81
CA VAL N 85 2.15 18.43 -9.18
C VAL N 85 3.40 17.66 -9.49
N LEU N 86 3.43 16.94 -10.63
CA LEU N 86 4.63 16.21 -11.05
C LEU N 86 5.39 17.15 -11.89
N TYR N 87 4.71 17.65 -12.93
CA TYR N 87 5.33 18.61 -13.85
C TYR N 87 4.42 19.46 -14.63
N ILE N 88 5.02 20.38 -15.36
CA ILE N 88 4.23 21.26 -16.19
C ILE N 88 4.70 21.31 -17.58
N ARG N 89 3.76 21.19 -18.52
CA ARG N 89 4.15 21.26 -19.90
C ARG N 89 3.42 22.32 -20.59
N GLU N 90 4.13 23.04 -21.41
CA GLU N 90 3.49 24.00 -22.28
C GLU N 90 2.74 23.20 -23.30
N LEU N 91 1.55 23.67 -23.63
CA LEU N 91 0.74 22.93 -24.52
C LEU N 91 1.01 23.37 -25.95
N PRO N 92 1.37 22.43 -26.82
CA PRO N 92 1.67 22.76 -28.21
C PRO N 92 0.46 23.53 -28.77
#